data_3VE2
#
_entry.id   3VE2
#
_cell.length_a   46.604
_cell.length_b   149.336
_cell.length_c   199.600
_cell.angle_alpha   90.000
_cell.angle_beta   90.000
_cell.angle_gamma   90.000
#
_symmetry.space_group_name_H-M   'P 2 2 21'
#
loop_
_entity.id
_entity.type
_entity.pdbx_description
1 polymer 'Transferrin-binding protein 2'
2 non-polymer GLYCEROL
3 non-polymer 'SULFATE ION'
4 non-polymer 'ACETATE ION'
5 non-polymer 'SODIUM ION'
6 water water
#
_entity_poly.entity_id   1
_entity_poly.type   'polypeptide(L)'
_entity_poly.pdbx_seq_one_letter_code
;GSKDQGGYGFAMRLKRRNWYPGAEESEVKLNESDWEATGLPTKPKELPKRQKSVIEKVETDGDSDIYSSPYLTPSNHQNG
SAGNGVNQPKNQATGHENFQYVYSGWFYKHAASEKDFSNKKIKSGDDGYIFYHGEKPSRQLPASGKVIYKGVWHFVTDTK
KGQDFREIIQPSKKQGDRYSGFSGDGSEEYSNKNESTLKDDHEGYGFTSNLEVDFGNKKLTGKLIRNNASLNNNTNNDKH
TTQYYSLDAQITGNRFNGTATATDKKENETKLHPFVSDSSSLSGGFFGPQGEELGFRFLSDDQKVAVVGSAKTKDKLENG
AAASGSTGAAASGGAAGTSSENSKLTTVLDAVELTLNDKKIKNLDNFSNAAQLVVDGIMIPLLPKDSESGNTQADKGKNG
GTEFTRKFEHTPESDKKDAQAGTQTNGAQTASNTAGDTNGKTKTYEVEVCCSNLNYLKYGMLTRKNSKSAMQAGGNSSQA
DAKTEQVEQSMFLQGERTDEKEIPTDQNVVYRGSWYGHIANGTSWSGNASDKEGGNRAEFTVNFADKKITGKLTAENRQA
QTFTIEGMIQGNGFEGTAKTAESGFDLDQKNTTRTPKAYITDAKVKGGFYGPKAEELGGWFAYPGDKQTEKATATSSDGN
SASSATVVFGAKRQQPVQ
;
_entity_poly.pdbx_strand_id   A,B
#
loop_
_chem_comp.id
_chem_comp.type
_chem_comp.name
_chem_comp.formula
ACT non-polymer 'ACETATE ION' 'C2 H3 O2 -1'
GOL non-polymer GLYCEROL 'C3 H8 O3'
NA non-polymer 'SODIUM ION' 'Na 1'
SO4 non-polymer 'SULFATE ION' 'O4 S -2'
#
# COMPACT_ATOMS: atom_id res chain seq x y z
N ASP A 4 -18.50 -29.55 -14.12
CA ASP A 4 -19.87 -29.06 -14.03
C ASP A 4 -20.40 -28.69 -15.41
N GLN A 5 -20.83 -27.43 -15.57
CA GLN A 5 -21.30 -26.95 -16.87
C GLN A 5 -20.15 -26.31 -17.66
N GLY A 6 -18.93 -26.41 -17.11
CA GLY A 6 -17.72 -26.05 -17.82
C GLY A 6 -17.50 -24.57 -18.04
N GLY A 7 -16.25 -24.17 -18.17
CA GLY A 7 -15.90 -22.80 -18.50
C GLY A 7 -14.46 -22.46 -18.21
N TYR A 8 -13.97 -21.37 -18.79
CA TYR A 8 -12.61 -20.92 -18.59
C TYR A 8 -12.39 -20.29 -17.22
N GLY A 9 -13.46 -19.84 -16.59
CA GLY A 9 -13.33 -19.14 -15.33
C GLY A 9 -14.62 -18.54 -14.82
N PHE A 10 -14.59 -18.13 -13.56
CA PHE A 10 -15.76 -17.61 -12.88
C PHE A 10 -15.36 -16.49 -11.91
N ALA A 11 -16.26 -15.55 -11.74
CA ALA A 11 -16.03 -14.37 -10.93
C ALA A 11 -17.28 -14.16 -10.14
N MET A 12 -17.11 -13.58 -8.97
CA MET A 12 -18.23 -13.25 -8.10
C MET A 12 -18.00 -11.84 -7.54
N ARG A 13 -18.99 -10.97 -7.71
CA ARG A 13 -18.88 -9.57 -7.24
C ARG A 13 -19.13 -9.38 -5.74
N LEU A 14 -18.36 -8.49 -5.11
CA LEU A 14 -18.70 -8.01 -3.77
C LEU A 14 -20.14 -7.46 -3.73
N LYS A 15 -20.79 -7.59 -2.58
CA LYS A 15 -22.09 -6.99 -2.34
C LYS A 15 -21.96 -5.73 -1.51
N ARG A 16 -22.85 -4.77 -1.76
CA ARG A 16 -23.02 -3.62 -0.87
C ARG A 16 -24.51 -3.54 -0.47
N ARG A 17 -24.78 -3.45 0.83
CA ARG A 17 -26.13 -3.52 1.40
C ARG A 17 -26.77 -2.10 1.47
N ASN A 18 -28.02 -1.98 1.04
CA ASN A 18 -28.75 -0.71 1.16
C ASN A 18 -28.99 -0.41 2.64
N TRP A 19 -28.41 0.67 3.15
CA TRP A 19 -28.73 1.08 4.51
C TRP A 19 -29.45 2.41 4.65
N TYR A 20 -30.15 2.82 3.59
CA TYR A 20 -31.02 3.97 3.71
C TYR A 20 -32.02 3.69 4.83
N PRO A 21 -32.11 4.57 5.83
CA PRO A 21 -33.07 4.28 6.89
C PRO A 21 -34.55 4.24 6.44
N GLY A 22 -35.25 3.15 6.72
CA GLY A 22 -36.63 3.07 6.29
C GLY A 22 -36.73 2.26 5.02
N ALA A 23 -35.60 1.99 4.37
CA ALA A 23 -35.68 1.19 3.15
C ALA A 23 -34.51 0.24 3.13
N GLU A 24 -34.12 -0.17 4.33
CA GLU A 24 -32.88 -0.90 4.55
C GLU A 24 -33.02 -2.37 4.18
N GLU A 25 -31.99 -2.95 3.56
CA GLU A 25 -31.90 -4.40 3.45
C GLU A 25 -31.20 -4.86 4.71
N SER A 26 -31.77 -5.80 5.44
CA SER A 26 -31.07 -6.32 6.62
C SER A 26 -29.96 -7.29 6.19
N GLU A 27 -30.12 -7.87 5.01
CA GLU A 27 -29.10 -8.77 4.48
C GLU A 27 -29.13 -8.91 2.95
N VAL A 28 -27.97 -9.18 2.37
CA VAL A 28 -27.90 -9.55 0.97
C VAL A 28 -27.09 -10.83 0.85
N LYS A 29 -27.75 -11.94 0.52
CA LYS A 29 -27.10 -13.24 0.46
C LYS A 29 -26.42 -13.43 -0.89
N LEU A 30 -25.51 -14.38 -0.97
CA LEU A 30 -24.92 -14.75 -2.26
C LEU A 30 -25.80 -15.79 -2.92
N ASN A 31 -25.71 -15.91 -4.24
CA ASN A 31 -26.55 -16.85 -4.96
C ASN A 31 -25.75 -17.46 -6.06
N GLU A 32 -26.07 -18.72 -6.39
CA GLU A 32 -25.40 -19.40 -7.49
C GLU A 32 -25.51 -18.58 -8.77
N SER A 33 -26.64 -17.89 -8.92
CA SER A 33 -26.87 -17.07 -10.10
C SER A 33 -25.89 -15.89 -10.16
N ASP A 34 -25.23 -15.56 -9.04
CA ASP A 34 -24.29 -14.45 -9.02
C ASP A 34 -22.98 -14.78 -9.73
N TRP A 35 -22.67 -16.06 -9.94
CA TRP A 35 -21.43 -16.41 -10.64
C TRP A 35 -21.42 -15.84 -12.05
N GLU A 36 -20.29 -15.25 -12.44
CA GLU A 36 -20.13 -14.76 -13.81
C GLU A 36 -19.00 -15.49 -14.52
N ALA A 37 -19.24 -15.86 -15.78
CA ALA A 37 -18.20 -16.44 -16.62
C ALA A 37 -17.17 -15.36 -16.92
N THR A 38 -15.90 -15.73 -16.97
CA THR A 38 -14.86 -14.75 -17.25
C THR A 38 -14.47 -14.72 -18.73
N GLY A 39 -14.72 -15.81 -19.45
CA GLY A 39 -14.17 -15.94 -20.79
C GLY A 39 -12.71 -16.38 -20.75
N LEU A 40 -12.17 -16.72 -21.92
CA LEU A 40 -10.79 -17.16 -22.07
C LEU A 40 -9.87 -15.95 -21.96
N PRO A 41 -8.92 -15.98 -21.01
CA PRO A 41 -7.94 -14.91 -20.95
C PRO A 41 -6.83 -15.13 -21.96
N THR A 42 -6.38 -14.06 -22.61
CA THR A 42 -5.17 -14.11 -23.40
C THR A 42 -3.96 -14.28 -22.49
N LYS A 43 -3.99 -13.63 -21.33
CA LYS A 43 -2.92 -13.71 -20.34
C LYS A 43 -3.50 -13.90 -18.95
N PRO A 44 -3.37 -15.12 -18.41
CA PRO A 44 -4.01 -15.48 -17.14
C PRO A 44 -3.61 -14.55 -15.99
N LYS A 45 -2.42 -13.97 -16.09
CA LYS A 45 -1.92 -13.06 -15.06
C LYS A 45 -2.68 -11.71 -15.04
N GLU A 46 -3.46 -11.42 -16.07
CA GLU A 46 -4.20 -10.18 -16.13
C GLU A 46 -5.58 -10.40 -15.57
N LEU A 47 -6.25 -9.30 -15.23
CA LEU A 47 -7.60 -9.35 -14.69
C LEU A 47 -8.54 -9.82 -15.79
N PRO A 48 -9.61 -10.54 -15.42
CA PRO A 48 -10.59 -10.93 -16.44
C PRO A 48 -11.27 -9.69 -17.04
N LYS A 49 -11.29 -9.59 -18.36
CA LYS A 49 -11.67 -8.36 -19.07
C LYS A 49 -13.10 -7.86 -18.86
N ARG A 50 -14.09 -8.75 -18.88
CA ARG A 50 -15.47 -8.33 -18.69
C ARG A 50 -15.63 -7.65 -17.34
N GLN A 51 -15.16 -8.32 -16.29
CA GLN A 51 -15.34 -7.83 -14.92
C GLN A 51 -14.46 -6.62 -14.64
N LYS A 52 -13.27 -6.60 -15.22
CA LYS A 52 -12.43 -5.42 -15.13
C LYS A 52 -13.16 -4.18 -15.68
N SER A 53 -13.77 -4.31 -16.85
CA SER A 53 -14.50 -3.19 -17.47
C SER A 53 -15.61 -2.68 -16.56
N VAL A 54 -16.32 -3.60 -15.92
CA VAL A 54 -17.33 -3.21 -14.92
C VAL A 54 -16.73 -2.36 -13.82
N ILE A 55 -15.61 -2.82 -13.25
CA ILE A 55 -14.98 -2.10 -12.15
C ILE A 55 -14.39 -0.75 -12.63
N GLU A 56 -13.87 -0.71 -13.86
CA GLU A 56 -13.34 0.54 -14.41
C GLU A 56 -14.43 1.60 -14.40
N LYS A 57 -15.68 1.18 -14.59
CA LYS A 57 -16.78 2.14 -14.65
C LYS A 57 -17.38 2.46 -13.29
N VAL A 58 -17.02 1.68 -12.28
CA VAL A 58 -17.43 1.97 -10.91
C VAL A 58 -16.89 3.32 -10.49
N GLU A 59 -17.78 4.14 -9.94
CA GLU A 59 -17.47 5.50 -9.57
C GLU A 59 -16.65 5.56 -8.27
N THR A 60 -15.60 6.39 -8.27
CA THR A 60 -14.84 6.68 -7.06
C THR A 60 -14.85 8.18 -6.79
N ASP A 61 -14.38 8.59 -5.62
CA ASP A 61 -14.34 9.99 -5.24
C ASP A 61 -13.18 10.22 -4.26
N GLY A 62 -11.95 10.24 -4.77
CA GLY A 62 -10.78 10.44 -3.93
C GLY A 62 -9.68 9.43 -4.20
N ASP A 63 -10.03 8.20 -4.54
CA ASP A 63 -9.03 7.16 -4.86
C ASP A 63 -9.59 6.30 -6.00
N SER A 64 -9.08 6.57 -7.19
CA SER A 64 -9.54 5.87 -8.39
C SER A 64 -8.79 4.55 -8.70
N ASP A 65 -7.78 4.19 -7.93
CA ASP A 65 -6.98 2.99 -8.32
C ASP A 65 -7.76 1.70 -8.21
N ILE A 66 -7.41 0.78 -9.07
CA ILE A 66 -7.80 -0.61 -8.88
C ILE A 66 -6.72 -1.36 -8.11
N TYR A 67 -7.08 -1.98 -6.99
CA TYR A 67 -6.14 -2.80 -6.21
C TYR A 67 -6.38 -4.26 -6.56
N SER A 68 -5.33 -5.04 -6.63
CA SER A 68 -5.44 -6.43 -6.97
C SER A 68 -4.42 -7.31 -6.23
N SER A 69 -4.66 -8.62 -6.26
CA SER A 69 -3.74 -9.60 -5.69
C SER A 69 -2.32 -9.33 -6.19
N PRO A 70 -1.32 -9.41 -5.28
CA PRO A 70 0.06 -8.97 -5.55
C PRO A 70 0.72 -9.64 -6.78
N TYR A 71 0.43 -10.90 -7.05
CA TYR A 71 1.03 -11.61 -8.19
C TYR A 71 0.32 -11.26 -9.51
N LEU A 72 -0.79 -10.53 -9.45
CA LEU A 72 -1.48 -10.15 -10.70
C LEU A 72 -0.86 -8.95 -11.38
N THR A 73 -1.08 -8.85 -12.70
CA THR A 73 -0.60 -7.74 -13.51
C THR A 73 -1.45 -6.51 -13.24
N PRO A 74 -0.84 -5.47 -12.65
CA PRO A 74 -1.57 -4.22 -12.38
C PRO A 74 -2.27 -3.71 -13.64
N GLN A 88 3.77 -4.35 -0.32
CA GLN A 88 4.60 -5.51 -0.64
C GLN A 88 4.06 -6.81 -0.03
N PRO A 89 2.73 -6.98 -0.02
CA PRO A 89 2.19 -8.25 0.50
C PRO A 89 2.47 -9.40 -0.44
N LYS A 90 2.44 -10.60 0.11
CA LYS A 90 2.60 -11.78 -0.69
C LYS A 90 1.41 -12.69 -0.45
N ASN A 91 1.08 -13.49 -1.46
CA ASN A 91 0.06 -14.51 -1.31
C ASN A 91 0.49 -15.68 -2.19
N GLN A 92 1.02 -16.72 -1.57
CA GLN A 92 1.65 -17.81 -2.33
C GLN A 92 1.94 -19.02 -1.43
N ALA A 93 1.84 -20.20 -2.01
CA ALA A 93 2.25 -21.42 -1.35
C ALA A 93 3.68 -21.67 -1.76
N THR A 94 4.61 -21.70 -0.80
CA THR A 94 6.02 -21.75 -1.17
C THR A 94 6.33 -23.02 -1.96
N GLY A 95 7.14 -22.87 -3.01
CA GLY A 95 7.47 -23.97 -3.91
C GLY A 95 6.41 -24.20 -4.99
N HIS A 96 5.31 -23.44 -4.94
CA HIS A 96 4.21 -23.60 -5.88
C HIS A 96 3.66 -22.26 -6.31
N GLU A 97 4.53 -21.42 -6.87
CA GLU A 97 4.15 -20.04 -7.13
C GLU A 97 4.21 -19.63 -8.60
N ASN A 98 4.81 -20.46 -9.45
CA ASN A 98 5.02 -20.04 -10.83
C ASN A 98 3.89 -20.40 -11.79
N PHE A 99 2.69 -19.91 -11.52
CA PHE A 99 1.54 -20.22 -12.38
C PHE A 99 1.73 -19.73 -13.83
N GLN A 100 1.30 -20.55 -14.78
CA GLN A 100 1.37 -20.19 -16.19
C GLN A 100 0.03 -20.31 -16.88
N TYR A 101 -0.85 -21.15 -16.35
CA TYR A 101 -2.09 -21.44 -17.04
C TYR A 101 -3.32 -20.92 -16.32
N VAL A 102 -3.24 -20.85 -14.98
CA VAL A 102 -4.41 -20.53 -14.17
C VAL A 102 -4.06 -19.49 -13.11
N TYR A 103 -4.88 -18.47 -13.00
CA TYR A 103 -4.76 -17.51 -11.91
C TYR A 103 -6.08 -17.35 -11.20
N SER A 104 -6.01 -17.26 -9.88
CA SER A 104 -7.12 -16.81 -9.08
C SER A 104 -6.67 -15.59 -8.29
N GLY A 105 -7.63 -14.79 -7.85
CA GLY A 105 -7.31 -13.60 -7.06
C GLY A 105 -8.50 -12.69 -6.94
N TRP A 106 -8.24 -11.42 -6.63
CA TRP A 106 -9.29 -10.43 -6.44
C TRP A 106 -8.82 -9.11 -6.99
N PHE A 107 -9.77 -8.21 -7.21
CA PHE A 107 -9.47 -6.82 -7.55
C PHE A 107 -10.65 -5.96 -7.13
N TYR A 108 -10.38 -4.71 -6.79
CA TYR A 108 -11.43 -3.84 -6.24
C TYR A 108 -11.02 -2.39 -6.27
N LYS A 109 -12.02 -1.53 -6.05
CA LYS A 109 -11.85 -0.10 -5.87
C LYS A 109 -12.41 0.34 -4.54
N HIS A 110 -11.84 1.40 -3.96
CA HIS A 110 -12.51 2.06 -2.84
C HIS A 110 -13.68 2.85 -3.44
N ALA A 111 -14.80 2.18 -3.69
CA ALA A 111 -15.88 2.76 -4.46
C ALA A 111 -16.57 3.90 -3.70
N ALA A 112 -16.94 4.95 -4.42
CA ALA A 112 -17.74 6.02 -3.80
C ALA A 112 -19.06 5.46 -3.30
N SER A 113 -19.64 6.13 -2.31
CA SER A 113 -20.91 5.68 -1.77
C SER A 113 -22.03 6.05 -2.74
N GLU A 114 -23.05 5.20 -2.79
CA GLU A 114 -24.26 5.59 -3.52
C GLU A 114 -25.09 6.36 -2.51
N LYS A 115 -25.46 7.59 -2.83
CA LYS A 115 -26.16 8.43 -1.87
C LYS A 115 -27.46 8.95 -2.49
N ASP A 116 -28.28 8.05 -3.00
CA ASP A 116 -29.47 8.45 -3.76
C ASP A 116 -30.66 8.53 -2.78
N PHE A 117 -30.81 9.66 -2.08
CA PHE A 117 -31.83 9.82 -1.04
C PHE A 117 -33.27 9.81 -1.52
N SER A 118 -33.56 10.37 -2.69
CA SER A 118 -34.94 10.32 -3.16
C SER A 118 -35.41 8.96 -3.68
N ASN A 119 -34.49 8.07 -4.04
CA ASN A 119 -34.90 6.70 -4.35
C ASN A 119 -34.59 5.75 -3.18
N LYS A 120 -34.18 6.34 -2.10
CA LYS A 120 -33.97 5.57 -0.88
C LYS A 120 -32.90 4.49 -0.97
N LYS A 121 -31.74 4.84 -1.52
CA LYS A 121 -30.65 3.91 -1.66
C LYS A 121 -29.41 4.57 -1.07
N ILE A 122 -28.87 3.99 -0.01
CA ILE A 122 -27.49 4.34 0.42
C ILE A 122 -26.65 3.09 0.47
N LYS A 123 -25.55 3.08 -0.26
CA LYS A 123 -24.61 1.96 -0.24
C LYS A 123 -23.18 2.48 -0.19
N SER A 124 -22.34 1.77 0.55
CA SER A 124 -20.98 2.24 0.80
C SER A 124 -20.06 1.03 0.94
N GLY A 125 -18.76 1.22 0.73
CA GLY A 125 -17.83 0.12 0.83
C GLY A 125 -17.11 -0.23 -0.46
N ASP A 126 -16.19 -1.19 -0.39
CA ASP A 126 -15.43 -1.58 -1.58
C ASP A 126 -16.38 -2.21 -2.59
N ASP A 127 -16.00 -2.11 -3.86
CA ASP A 127 -16.68 -2.84 -4.94
C ASP A 127 -15.61 -3.55 -5.77
N GLY A 128 -15.87 -4.78 -6.18
CA GLY A 128 -14.84 -5.55 -6.85
C GLY A 128 -15.28 -7.00 -7.05
N TYR A 129 -14.35 -7.87 -7.42
CA TYR A 129 -14.60 -9.29 -7.69
C TYR A 129 -13.51 -10.17 -7.13
N ILE A 130 -13.89 -11.38 -6.75
CA ILE A 130 -12.93 -12.49 -6.74
C ILE A 130 -13.14 -13.29 -8.03
N PHE A 131 -12.13 -14.04 -8.46
CA PHE A 131 -12.25 -14.78 -9.70
C PHE A 131 -11.17 -15.85 -9.78
N TYR A 132 -11.36 -16.84 -10.64
CA TYR A 132 -10.24 -17.58 -11.22
C TYR A 132 -10.53 -17.66 -12.70
N HIS A 133 -9.46 -17.75 -13.49
CA HIS A 133 -9.61 -18.11 -14.89
C HIS A 133 -8.36 -18.86 -15.35
N GLY A 134 -8.49 -19.63 -16.41
CA GLY A 134 -7.39 -20.38 -16.94
C GLY A 134 -7.45 -20.51 -18.44
N GLU A 135 -6.31 -20.86 -19.03
CA GLU A 135 -6.26 -21.21 -20.44
C GLU A 135 -5.83 -22.68 -20.61
N LYS A 136 -6.09 -23.24 -21.79
CA LYS A 136 -5.66 -24.61 -22.15
C LYS A 136 -6.18 -25.70 -21.23
N PRO A 137 -7.50 -25.86 -21.15
CA PRO A 137 -8.01 -26.94 -20.29
C PRO A 137 -7.49 -28.28 -20.82
N SER A 138 -7.10 -29.16 -19.91
CA SER A 138 -6.26 -30.30 -20.24
C SER A 138 -6.98 -31.40 -21.01
N ARG A 139 -6.29 -32.04 -21.94
CA ARG A 139 -6.86 -33.18 -22.65
C ARG A 139 -6.12 -34.45 -22.23
N GLN A 140 -5.03 -34.27 -21.51
CA GLN A 140 -4.32 -35.38 -20.88
C GLN A 140 -3.99 -35.11 -19.41
N LEU A 141 -3.95 -36.18 -18.63
CA LEU A 141 -3.59 -36.14 -17.23
C LEU A 141 -2.64 -37.28 -16.91
N PRO A 142 -1.90 -37.17 -15.80
CA PRO A 142 -1.11 -38.34 -15.41
C PRO A 142 -2.04 -39.54 -15.33
N ALA A 143 -1.55 -40.69 -15.75
CA ALA A 143 -2.36 -41.89 -15.75
C ALA A 143 -2.58 -42.42 -14.34
N SER A 144 -1.65 -42.13 -13.45
CA SER A 144 -1.67 -42.75 -12.13
C SER A 144 -0.90 -41.93 -11.09
N GLY A 145 -0.98 -42.35 -9.83
CA GLY A 145 -0.25 -41.69 -8.75
C GLY A 145 -0.96 -40.52 -8.07
N LYS A 146 -0.57 -40.26 -6.82
CA LYS A 146 -1.07 -39.13 -6.06
C LYS A 146 -0.08 -37.97 -6.19
N VAL A 147 -0.60 -36.78 -6.49
CA VAL A 147 0.24 -35.64 -6.76
C VAL A 147 -0.21 -34.45 -5.90
N ILE A 148 0.75 -33.78 -5.28
CA ILE A 148 0.46 -32.65 -4.43
C ILE A 148 0.34 -31.35 -5.25
N TYR A 149 -0.78 -30.66 -5.09
CA TYR A 149 -0.98 -29.33 -5.68
C TYR A 149 -1.12 -28.35 -4.52
N LYS A 150 -0.48 -27.20 -4.67
CA LYS A 150 -0.65 -26.11 -3.71
C LYS A 150 -0.83 -24.81 -4.44
N GLY A 151 -1.42 -23.83 -3.78
CA GLY A 151 -1.67 -22.53 -4.36
C GLY A 151 -2.40 -21.63 -3.38
N VAL A 152 -3.35 -20.87 -3.89
CA VAL A 152 -4.01 -19.87 -3.06
C VAL A 152 -5.51 -20.02 -3.16
N TRP A 153 -6.23 -19.34 -2.26
CA TRP A 153 -7.68 -19.23 -2.35
C TRP A 153 -8.16 -17.91 -1.85
N HIS A 154 -9.40 -17.56 -2.21
CA HIS A 154 -9.93 -16.24 -1.95
C HIS A 154 -11.41 -16.38 -1.65
N PHE A 155 -12.00 -15.39 -0.97
CA PHE A 155 -13.40 -15.49 -0.58
C PHE A 155 -14.09 -14.13 -0.62
N VAL A 156 -15.42 -14.16 -0.75
CA VAL A 156 -16.24 -12.98 -0.61
C VAL A 156 -17.47 -13.45 0.16
N THR A 157 -17.97 -12.61 1.07
CA THR A 157 -19.10 -13.01 1.94
C THR A 157 -20.40 -12.31 1.54
N ASP A 158 -21.50 -12.73 2.16
CA ASP A 158 -22.75 -11.98 2.11
C ASP A 158 -22.62 -10.71 2.96
N THR A 159 -23.68 -9.93 3.02
CA THR A 159 -23.70 -8.79 3.93
C THR A 159 -24.93 -8.90 4.81
N LYS A 160 -24.80 -8.56 6.08
CA LYS A 160 -25.94 -8.63 6.99
C LYS A 160 -25.76 -7.56 8.04
N LYS A 161 -26.81 -6.80 8.32
CA LYS A 161 -26.73 -5.78 9.35
C LYS A 161 -26.34 -6.35 10.73
N GLY A 162 -25.36 -5.73 11.39
CA GLY A 162 -24.88 -6.21 12.68
C GLY A 162 -23.84 -7.31 12.62
N GLN A 163 -23.65 -7.88 11.42
CA GLN A 163 -22.66 -8.96 11.24
C GLN A 163 -21.23 -8.45 11.12
N ASP A 164 -20.29 -9.09 11.81
CA ASP A 164 -18.86 -8.83 11.55
C ASP A 164 -18.09 -10.16 11.54
N PHE A 165 -16.90 -10.14 10.93
CA PHE A 165 -16.02 -11.31 10.91
C PHE A 165 -14.66 -10.90 11.48
N ARG A 166 -14.68 -10.43 12.72
CA ARG A 166 -13.49 -9.82 13.32
C ARG A 166 -12.28 -10.77 13.40
N GLU A 167 -12.52 -12.08 13.37
CA GLU A 167 -11.39 -13.04 13.35
C GLU A 167 -10.55 -12.91 12.08
N ILE A 168 -11.19 -12.50 10.99
CA ILE A 168 -10.51 -12.42 9.69
CA ILE A 168 -10.49 -12.43 9.69
C ILE A 168 -10.30 -10.98 9.23
N ILE A 169 -11.24 -10.11 9.55
CA ILE A 169 -11.18 -8.72 9.09
C ILE A 169 -11.60 -7.81 10.21
N GLN A 170 -10.69 -6.91 10.58
CA GLN A 170 -10.95 -5.95 11.63
C GLN A 170 -12.13 -5.10 11.17
N PRO A 171 -13.20 -5.06 11.96
CA PRO A 171 -14.48 -4.49 11.50
C PRO A 171 -14.64 -2.97 11.68
N SER A 172 -13.58 -2.18 11.59
CA SER A 172 -13.77 -0.71 11.69
C SER A 172 -14.62 -0.12 10.57
N LYS A 173 -14.67 -0.75 9.41
CA LYS A 173 -15.49 -0.19 8.33
C LYS A 173 -16.76 -0.99 8.04
N LYS A 174 -17.21 -1.78 9.00
CA LYS A 174 -18.42 -2.57 8.81
C LYS A 174 -18.30 -3.61 7.68
N GLN A 175 -17.10 -4.17 7.56
CA GLN A 175 -16.90 -5.31 6.67
C GLN A 175 -17.78 -6.50 7.09
N GLY A 176 -18.56 -7.02 6.15
CA GLY A 176 -19.49 -8.08 6.44
C GLY A 176 -20.90 -7.57 6.70
N ASP A 177 -21.04 -6.25 6.85
CA ASP A 177 -22.30 -5.64 7.26
C ASP A 177 -22.75 -4.71 6.11
N ARG A 178 -22.01 -3.64 5.87
CA ARG A 178 -22.29 -2.72 4.76
C ARG A 178 -21.77 -3.18 3.40
N TYR A 179 -20.63 -3.85 3.38
CA TYR A 179 -20.13 -4.44 2.14
C TYR A 179 -19.47 -5.77 2.47
N SER A 180 -19.38 -6.65 1.49
CA SER A 180 -18.87 -8.02 1.72
C SER A 180 -17.51 -8.07 2.42
N GLY A 181 -17.36 -9.02 3.34
CA GLY A 181 -16.04 -9.43 3.73
C GLY A 181 -15.37 -10.01 2.48
N PHE A 182 -14.09 -9.72 2.28
CA PHE A 182 -13.38 -10.38 1.21
C PHE A 182 -11.89 -10.39 1.50
N SER A 183 -11.20 -11.32 0.85
CA SER A 183 -9.81 -11.61 1.24
C SER A 183 -8.84 -10.50 0.85
N GLY A 184 -9.27 -9.58 0.00
CA GLY A 184 -8.47 -8.44 -0.37
C GLY A 184 -8.68 -7.19 0.50
N ASP A 185 -9.56 -7.25 1.47
CA ASP A 185 -9.83 -6.04 2.28
C ASP A 185 -8.58 -5.47 2.95
N GLY A 186 -8.45 -4.16 2.96
CA GLY A 186 -7.35 -3.51 3.67
C GLY A 186 -7.27 -3.84 5.15
N SER A 187 -8.36 -4.34 5.75
CA SER A 187 -8.32 -4.71 7.17
C SER A 187 -8.19 -6.23 7.42
N GLU A 188 -7.80 -6.98 6.39
CA GLU A 188 -7.44 -8.40 6.57
C GLU A 188 -6.02 -8.41 7.14
N GLU A 189 -5.90 -8.37 8.45
CA GLU A 189 -4.61 -8.06 9.04
C GLU A 189 -4.09 -9.15 9.94
N TYR A 190 -4.68 -10.33 9.83
CA TYR A 190 -4.31 -11.41 10.72
C TYR A 190 -3.53 -12.52 10.01
N SER A 191 -3.36 -12.38 8.69
CA SER A 191 -2.52 -13.35 7.99
C SER A 191 -1.09 -12.83 7.99
N ASN A 192 -0.14 -13.65 7.56
CA ASN A 192 1.26 -13.25 7.54
C ASN A 192 1.67 -12.59 6.22
N LYS A 193 0.68 -12.16 5.44
CA LYS A 193 0.97 -11.72 4.06
C LYS A 193 1.99 -10.58 3.98
N ASN A 194 2.16 -9.84 5.08
CA ASN A 194 3.10 -8.72 5.08
C ASN A 194 4.43 -9.03 5.75
N GLU A 195 4.56 -10.23 6.29
CA GLU A 195 5.78 -10.56 7.02
C GLU A 195 6.92 -10.90 6.05
N SER A 196 8.14 -10.80 6.55
CA SER A 196 9.35 -10.93 5.72
C SER A 196 9.92 -12.34 5.71
N THR A 197 9.56 -13.15 6.69
CA THR A 197 10.02 -14.53 6.70
C THR A 197 8.92 -15.44 7.22
N LEU A 198 9.11 -16.74 7.04
CA LEU A 198 8.08 -17.70 7.34
C LEU A 198 8.43 -18.53 8.55
N LYS A 199 7.43 -18.85 9.35
CA LYS A 199 7.63 -19.81 10.42
C LYS A 199 7.79 -21.18 9.80
N ASP A 200 8.39 -22.06 10.57
CA ASP A 200 8.72 -23.43 10.17
CA ASP A 200 8.74 -23.40 10.08
C ASP A 200 7.51 -24.22 9.66
N ASP A 201 6.35 -23.93 10.23
CA ASP A 201 5.14 -24.67 9.85
C ASP A 201 4.16 -23.89 8.96
N HIS A 202 4.56 -22.72 8.47
CA HIS A 202 3.76 -22.00 7.47
C HIS A 202 3.83 -22.70 6.13
N GLU A 203 2.70 -22.77 5.41
CA GLU A 203 2.74 -23.28 4.04
C GLU A 203 3.12 -22.19 3.02
N GLY A 204 3.13 -20.94 3.46
CA GLY A 204 3.39 -19.82 2.57
C GLY A 204 2.79 -18.55 3.13
N TYR A 205 2.43 -17.61 2.26
CA TYR A 205 1.94 -16.30 2.67
C TYR A 205 0.46 -16.14 2.38
N GLY A 206 -0.28 -15.61 3.36
CA GLY A 206 -1.70 -15.32 3.20
C GLY A 206 -2.56 -16.58 3.25
N PHE A 207 -3.64 -16.61 2.48
CA PHE A 207 -4.51 -17.78 2.42
C PHE A 207 -4.06 -18.75 1.34
N THR A 208 -3.73 -19.98 1.74
CA THR A 208 -3.20 -20.96 0.80
C THR A 208 -3.94 -22.28 0.76
N SER A 209 -3.79 -22.96 -0.37
CA SER A 209 -4.50 -24.21 -0.63
C SER A 209 -3.50 -25.35 -0.75
N ASN A 210 -3.93 -26.52 -0.35
CA ASN A 210 -3.12 -27.71 -0.46
C ASN A 210 -4.00 -28.85 -0.89
N LEU A 211 -3.79 -29.37 -2.10
CA LEU A 211 -4.61 -30.48 -2.57
C LEU A 211 -3.79 -31.73 -2.87
N GLU A 212 -4.37 -32.88 -2.57
CA GLU A 212 -3.75 -34.14 -3.00
C GLU A 212 -4.61 -34.76 -4.08
N VAL A 213 -4.08 -34.81 -5.29
CA VAL A 213 -4.85 -35.33 -6.40
C VAL A 213 -4.45 -36.77 -6.68
N ASP A 214 -5.41 -37.67 -6.58
CA ASP A 214 -5.16 -39.10 -6.84
C ASP A 214 -5.63 -39.46 -8.25
N PHE A 215 -4.73 -39.35 -9.21
CA PHE A 215 -5.07 -39.65 -10.61
C PHE A 215 -5.40 -41.11 -10.84
N GLY A 216 -4.88 -41.98 -9.97
CA GLY A 216 -5.17 -43.40 -10.06
C GLY A 216 -6.62 -43.72 -9.78
N ASN A 217 -7.15 -43.07 -8.75
CA ASN A 217 -8.52 -43.31 -8.34
C ASN A 217 -9.50 -42.21 -8.75
N LYS A 218 -9.02 -41.29 -9.58
CA LYS A 218 -9.88 -40.23 -10.10
C LYS A 218 -10.57 -39.48 -8.97
N LYS A 219 -9.80 -39.14 -7.93
CA LYS A 219 -10.36 -38.32 -6.87
C LYS A 219 -9.32 -37.42 -6.19
N LEU A 220 -9.81 -36.46 -5.41
CA LEU A 220 -8.91 -35.52 -4.75
C LEU A 220 -9.41 -35.07 -3.40
N THR A 221 -8.48 -34.68 -2.54
CA THR A 221 -8.81 -34.14 -1.25
C THR A 221 -7.98 -32.90 -1.08
N GLY A 222 -8.30 -32.10 -0.06
CA GLY A 222 -7.53 -30.90 0.19
C GLY A 222 -7.88 -30.12 1.45
N LYS A 223 -7.12 -29.06 1.65
CA LYS A 223 -7.26 -28.20 2.82
C LYS A 223 -7.03 -26.75 2.41
N LEU A 224 -7.87 -25.87 2.92
CA LEU A 224 -7.75 -24.44 2.69
C LEU A 224 -7.45 -23.81 4.05
N ILE A 225 -6.33 -23.10 4.11
CA ILE A 225 -5.88 -22.56 5.39
C ILE A 225 -5.52 -21.11 5.29
N ARG A 226 -5.35 -20.49 6.45
CA ARG A 226 -4.71 -19.18 6.54
C ARG A 226 -3.36 -19.37 7.24
N ASN A 227 -2.32 -18.78 6.68
CA ASN A 227 -1.04 -18.65 7.38
C ASN A 227 -1.10 -17.40 8.25
N ASN A 228 -0.95 -17.59 9.57
CA ASN A 228 -1.22 -16.54 10.56
C ASN A 228 -0.03 -15.65 10.84
N ALA A 229 -0.33 -14.37 11.04
CA ALA A 229 0.68 -13.41 11.46
C ALA A 229 1.33 -13.82 12.80
N SER A 230 2.62 -13.56 12.91
CA SER A 230 3.36 -13.90 14.13
C SER A 230 3.54 -12.71 15.04
N LEU A 231 2.93 -12.78 16.22
CA LEU A 231 3.02 -11.71 17.20
C LEU A 231 2.95 -12.24 18.63
N ASP A 238 3.43 -22.09 19.52
CA ASP A 238 2.03 -22.10 19.11
C ASP A 238 1.87 -22.05 17.59
N LYS A 239 1.18 -23.05 17.05
CA LYS A 239 0.99 -23.25 15.60
C LYS A 239 0.47 -22.03 14.81
N HIS A 240 1.08 -21.84 13.66
CA HIS A 240 0.99 -20.63 12.86
C HIS A 240 0.00 -20.64 11.68
N THR A 241 -0.81 -21.68 11.53
CA THR A 241 -1.81 -21.74 10.48
C THR A 241 -3.18 -22.07 11.09
N THR A 242 -4.22 -21.71 10.37
CA THR A 242 -5.58 -22.07 10.75
C THR A 242 -6.30 -22.67 9.54
N GLN A 243 -6.88 -23.85 9.71
CA GLN A 243 -7.62 -24.49 8.62
C GLN A 243 -9.11 -24.15 8.64
N TYR A 244 -9.62 -23.68 7.51
CA TYR A 244 -11.04 -23.34 7.42
C TYR A 244 -11.88 -24.34 6.64
N TYR A 245 -11.27 -25.07 5.71
CA TYR A 245 -12.00 -26.07 4.96
C TYR A 245 -11.16 -27.29 4.67
N SER A 246 -11.83 -28.42 4.53
CA SER A 246 -11.26 -29.54 3.80
C SER A 246 -12.12 -29.70 2.55
N LEU A 247 -11.57 -30.38 1.55
CA LEU A 247 -12.22 -30.52 0.25
C LEU A 247 -12.26 -31.99 -0.17
N ASP A 248 -13.33 -32.37 -0.85
CA ASP A 248 -13.41 -33.73 -1.42
C ASP A 248 -14.07 -33.69 -2.79
N ALA A 249 -13.44 -34.32 -3.78
CA ALA A 249 -14.00 -34.28 -5.13
C ALA A 249 -13.69 -35.52 -5.98
N GLN A 250 -14.61 -35.82 -6.89
CA GLN A 250 -14.41 -36.86 -7.91
C GLN A 250 -14.00 -36.20 -9.22
N ILE A 251 -13.02 -36.80 -9.88
CA ILE A 251 -12.51 -36.30 -11.15
C ILE A 251 -13.24 -36.98 -12.30
N THR A 252 -13.79 -36.18 -13.21
CA THR A 252 -14.36 -36.74 -14.44
C THR A 252 -13.76 -36.00 -15.63
N GLY A 253 -12.91 -36.69 -16.37
CA GLY A 253 -12.20 -36.06 -17.45
C GLY A 253 -11.27 -35.01 -16.89
N ASN A 254 -11.35 -33.80 -17.45
CA ASN A 254 -10.51 -32.72 -16.96
C ASN A 254 -11.22 -31.85 -15.89
N ARG A 255 -12.36 -32.33 -15.40
CA ARG A 255 -13.11 -31.57 -14.41
C ARG A 255 -13.22 -32.33 -13.10
N PHE A 256 -13.59 -31.64 -12.04
CA PHE A 256 -13.87 -32.32 -10.78
C PHE A 256 -14.99 -31.61 -10.06
N ASN A 257 -15.74 -32.39 -9.27
CA ASN A 257 -16.93 -31.92 -8.58
C ASN A 257 -17.00 -32.58 -7.21
N GLY A 258 -17.49 -31.86 -6.20
CA GLY A 258 -17.64 -32.44 -4.88
C GLY A 258 -18.10 -31.48 -3.81
N THR A 259 -17.46 -31.55 -2.65
CA THR A 259 -17.93 -30.81 -1.50
C THR A 259 -16.77 -30.12 -0.82
N ALA A 260 -17.10 -29.08 -0.06
CA ALA A 260 -16.17 -28.48 0.88
C ALA A 260 -16.79 -28.65 2.23
N THR A 261 -15.95 -28.97 3.21
CA THR A 261 -16.39 -29.15 4.58
C THR A 261 -15.77 -28.08 5.43
N ALA A 262 -16.63 -27.31 6.12
CA ALA A 262 -16.16 -26.27 7.02
C ALA A 262 -15.50 -26.92 8.22
N THR A 263 -14.24 -26.58 8.46
CA THR A 263 -13.46 -27.23 9.51
C THR A 263 -13.89 -26.79 10.90
N ASP A 264 -14.28 -25.51 11.07
CA ASP A 264 -14.85 -25.03 12.32
C ASP A 264 -16.29 -24.52 12.15
N LYS A 265 -17.36 -25.21 12.57
CA LYS A 265 -18.65 -24.73 12.05
C LYS A 265 -19.52 -23.82 12.96
N LYS A 266 -20.33 -24.37 13.86
CA LYS A 266 -20.71 -23.66 15.08
C LYS A 266 -20.85 -24.63 16.26
N GLU A 267 -20.05 -24.52 17.32
CA GLU A 267 -20.37 -25.35 18.47
C GLU A 267 -20.39 -24.62 19.82
N ASN A 268 -19.18 -24.34 20.31
CA ASN A 268 -18.96 -23.67 21.59
C ASN A 268 -18.70 -22.18 21.32
N GLU A 269 -18.66 -21.85 20.04
CA GLU A 269 -18.33 -20.51 19.58
C GLU A 269 -19.52 -19.82 18.94
N THR A 270 -19.48 -18.49 19.04
CA THR A 270 -20.37 -17.59 18.32
C THR A 270 -19.84 -17.27 16.91
N LYS A 271 -18.76 -17.92 16.49
CA LYS A 271 -18.39 -17.83 15.06
C LYS A 271 -18.02 -16.44 14.51
N LEU A 272 -16.77 -16.07 14.75
CA LEU A 272 -16.17 -14.79 14.39
C LEU A 272 -15.63 -14.73 12.93
N HIS A 273 -15.94 -15.71 12.08
CA HIS A 273 -15.50 -15.82 10.70
C HIS A 273 -16.67 -16.40 9.92
N PRO A 274 -16.62 -16.30 8.59
CA PRO A 274 -17.77 -16.70 7.76
C PRO A 274 -17.75 -18.16 7.31
N PHE A 275 -16.70 -18.89 7.65
CA PHE A 275 -16.53 -20.24 7.12
C PHE A 275 -17.21 -21.26 8.02
N VAL A 276 -18.53 -21.21 8.09
CA VAL A 276 -19.24 -22.00 9.09
C VAL A 276 -20.13 -23.09 8.48
N SER A 277 -20.29 -23.07 7.17
CA SER A 277 -21.21 -24.01 6.52
C SER A 277 -20.48 -24.84 5.46
N ASP A 278 -20.90 -26.09 5.28
CA ASP A 278 -20.33 -26.90 4.21
C ASP A 278 -20.78 -26.35 2.86
N SER A 279 -20.19 -26.83 1.79
CA SER A 279 -20.68 -26.56 0.44
C SER A 279 -20.84 -27.85 -0.34
N SER A 280 -21.94 -27.97 -1.07
CA SER A 280 -22.10 -29.12 -1.93
C SER A 280 -21.85 -28.74 -3.39
N SER A 281 -21.24 -27.60 -3.61
CA SER A 281 -21.02 -27.17 -4.98
C SER A 281 -19.57 -26.87 -5.35
N LEU A 282 -18.64 -27.65 -4.84
CA LEU A 282 -17.24 -27.54 -5.27
C LEU A 282 -17.15 -28.01 -6.71
N SER A 283 -16.60 -27.15 -7.56
CA SER A 283 -16.31 -27.56 -8.92
C SER A 283 -15.08 -26.84 -9.45
N GLY A 284 -14.35 -27.52 -10.33
CA GLY A 284 -13.14 -26.97 -10.90
C GLY A 284 -12.68 -27.81 -12.07
N GLY A 285 -11.49 -27.50 -12.58
CA GLY A 285 -10.95 -28.25 -13.69
C GLY A 285 -9.44 -28.10 -13.77
N PHE A 286 -8.83 -28.97 -14.56
CA PHE A 286 -7.40 -29.00 -14.78
C PHE A 286 -7.01 -28.22 -16.03
N PHE A 287 -5.88 -27.55 -15.98
CA PHE A 287 -5.42 -26.76 -17.13
C PHE A 287 -3.95 -27.07 -17.38
N GLY A 288 -3.47 -26.78 -18.58
CA GLY A 288 -2.10 -27.09 -18.94
C GLY A 288 -1.98 -28.43 -19.66
N PRO A 289 -0.82 -28.68 -20.30
CA PRO A 289 -0.52 -29.88 -21.09
C PRO A 289 -0.87 -31.17 -20.38
N GLN A 290 -0.48 -31.33 -19.12
CA GLN A 290 -0.91 -32.51 -18.38
C GLN A 290 -1.60 -32.18 -17.06
N GLY A 291 -2.45 -31.15 -17.07
CA GLY A 291 -3.23 -30.80 -15.90
C GLY A 291 -2.39 -30.42 -14.70
N GLU A 292 -1.23 -29.83 -14.93
CA GLU A 292 -0.34 -29.48 -13.83
C GLU A 292 -0.81 -28.26 -13.01
N GLU A 293 -1.89 -27.62 -13.46
CA GLU A 293 -2.52 -26.54 -12.69
C GLU A 293 -4.01 -26.77 -12.67
N LEU A 294 -4.69 -26.21 -11.66
CA LEU A 294 -6.13 -26.34 -11.55
C LEU A 294 -6.75 -25.08 -10.94
N GLY A 295 -8.05 -24.90 -11.21
CA GLY A 295 -8.84 -23.80 -10.67
C GLY A 295 -10.11 -24.39 -10.09
N PHE A 296 -10.71 -23.70 -9.12
CA PHE A 296 -11.94 -24.19 -8.51
C PHE A 296 -12.74 -23.09 -7.84
N ARG A 297 -13.99 -23.39 -7.53
CA ARG A 297 -14.86 -22.47 -6.85
C ARG A 297 -15.88 -23.24 -6.04
N PHE A 298 -16.47 -22.59 -5.05
CA PHE A 298 -17.67 -23.13 -4.42
C PHE A 298 -18.47 -22.06 -3.73
N LEU A 299 -19.73 -22.36 -3.44
CA LEU A 299 -20.60 -21.44 -2.72
C LEU A 299 -21.13 -22.20 -1.51
N SER A 300 -21.04 -21.59 -0.33
CA SER A 300 -21.46 -22.29 0.88
C SER A 300 -22.98 -22.50 0.87
N ASP A 301 -23.43 -23.59 1.47
CA ASP A 301 -24.83 -23.94 1.43
C ASP A 301 -25.71 -22.92 2.13
N ASP A 302 -25.19 -22.24 3.14
CA ASP A 302 -25.96 -21.17 3.78
C ASP A 302 -25.82 -19.84 3.01
N GLN A 303 -25.23 -19.89 1.82
CA GLN A 303 -25.07 -18.69 0.98
C GLN A 303 -24.36 -17.52 1.66
N LYS A 304 -23.51 -17.82 2.64
CA LYS A 304 -22.80 -16.77 3.35
C LYS A 304 -21.45 -16.46 2.70
N VAL A 305 -20.87 -17.44 2.00
CA VAL A 305 -19.51 -17.26 1.48
C VAL A 305 -19.24 -17.98 0.15
N ALA A 306 -18.60 -17.28 -0.77
CA ALA A 306 -18.13 -17.87 -2.01
C ALA A 306 -16.60 -17.90 -2.02
N VAL A 307 -16.04 -18.95 -2.60
CA VAL A 307 -14.62 -19.17 -2.61
C VAL A 307 -14.17 -19.50 -4.03
N VAL A 308 -13.05 -18.95 -4.43
CA VAL A 308 -12.38 -19.39 -5.64
C VAL A 308 -10.92 -19.67 -5.29
N GLY A 309 -10.26 -20.48 -6.10
CA GLY A 309 -8.88 -20.79 -5.81
C GLY A 309 -8.15 -21.39 -6.99
N SER A 310 -6.86 -21.63 -6.79
CA SER A 310 -6.02 -22.16 -7.84
C SER A 310 -4.88 -22.92 -7.18
N ALA A 311 -4.35 -23.94 -7.85
CA ALA A 311 -3.24 -24.71 -7.30
C ALA A 311 -2.42 -25.33 -8.44
N LYS A 312 -1.17 -25.68 -8.15
CA LYS A 312 -0.27 -26.20 -9.18
C LYS A 312 0.68 -27.21 -8.58
N THR A 313 1.20 -28.11 -9.42
CA THR A 313 2.30 -28.95 -8.98
C THR A 313 3.49 -28.09 -8.64
N LYS A 314 4.45 -28.68 -7.93
CA LYS A 314 5.68 -28.02 -7.55
C LYS A 314 6.33 -27.31 -8.72
N ASP A 315 6.87 -26.12 -8.46
CA ASP A 315 7.57 -25.35 -9.47
C ASP A 315 8.81 -26.12 -9.97
N LYS A 316 9.12 -26.00 -11.25
CA LYS A 316 10.32 -26.63 -11.80
C LYS A 316 11.40 -25.59 -12.06
N LYS A 344 3.71 -41.30 -16.97
CA LYS A 344 2.89 -41.72 -18.10
C LYS A 344 1.54 -41.03 -18.08
N LEU A 345 1.10 -40.59 -19.25
CA LEU A 345 -0.13 -39.82 -19.39
C LEU A 345 -1.26 -40.64 -19.99
N THR A 346 -2.49 -40.24 -19.69
CA THR A 346 -3.66 -40.79 -20.36
C THR A 346 -4.46 -39.65 -20.98
N THR A 347 -5.13 -39.93 -22.09
CA THR A 347 -5.89 -38.92 -22.81
C THR A 347 -7.34 -38.99 -22.37
N VAL A 348 -7.89 -37.87 -21.90
CA VAL A 348 -9.26 -37.89 -21.36
C VAL A 348 -10.31 -37.43 -22.35
N LEU A 349 -9.90 -36.70 -23.39
CA LEU A 349 -10.85 -36.28 -24.41
C LEU A 349 -10.18 -36.07 -25.76
N ASP A 350 -11.00 -36.09 -26.80
CA ASP A 350 -10.56 -35.67 -28.12
C ASP A 350 -11.47 -34.51 -28.49
N ALA A 351 -10.87 -33.45 -29.02
CA ALA A 351 -11.64 -32.34 -29.53
C ALA A 351 -10.82 -31.71 -30.65
N VAL A 352 -11.25 -31.92 -31.89
CA VAL A 352 -10.48 -31.44 -33.05
C VAL A 352 -11.33 -30.71 -34.08
N GLU A 353 -10.69 -29.80 -34.78
CA GLU A 353 -11.29 -29.11 -35.91
C GLU A 353 -10.44 -29.41 -37.14
N LEU A 354 -11.09 -29.86 -38.20
CA LEU A 354 -10.43 -30.11 -39.47
C LEU A 354 -10.88 -29.05 -40.46
N THR A 355 -9.95 -28.19 -40.85
CA THR A 355 -10.26 -27.10 -41.77
C THR A 355 -10.18 -27.60 -43.20
N LEU A 356 -11.26 -27.39 -43.97
CA LEU A 356 -11.30 -27.85 -45.35
C LEU A 356 -10.24 -27.19 -46.23
N ASN A 357 -10.42 -25.90 -46.49
CA ASN A 357 -9.54 -25.15 -47.39
C ASN A 357 -8.07 -25.54 -47.34
N ASP A 358 -7.56 -25.85 -46.15
CA ASP A 358 -6.15 -26.18 -45.97
C ASP A 358 -5.95 -27.56 -45.34
N LYS A 359 -7.02 -28.36 -45.31
CA LYS A 359 -6.96 -29.74 -44.83
C LYS A 359 -6.18 -29.91 -43.53
N LYS A 360 -6.13 -28.86 -42.70
CA LYS A 360 -5.33 -28.90 -41.49
C LYS A 360 -6.17 -29.20 -40.24
N ILE A 361 -5.53 -29.74 -39.21
CA ILE A 361 -6.26 -30.21 -38.03
C ILE A 361 -5.77 -29.58 -36.72
N LYS A 362 -6.68 -28.84 -36.09
CA LYS A 362 -6.38 -28.10 -34.87
C LYS A 362 -7.07 -28.73 -33.67
N ASN A 363 -6.40 -28.72 -32.53
CA ASN A 363 -7.04 -29.09 -31.28
C ASN A 363 -8.02 -28.02 -30.81
N LEU A 364 -9.20 -28.43 -30.35
CA LEU A 364 -10.12 -27.50 -29.71
C LEU A 364 -10.05 -27.62 -28.19
N ASP A 365 -10.38 -26.54 -27.50
CA ASP A 365 -10.57 -26.62 -26.07
C ASP A 365 -11.85 -27.38 -25.82
N ASN A 366 -11.92 -28.07 -24.69
CA ASN A 366 -13.13 -28.75 -24.28
C ASN A 366 -13.07 -29.01 -22.79
N PHE A 367 -14.22 -28.90 -22.13
CA PHE A 367 -14.28 -29.09 -20.68
C PHE A 367 -14.83 -30.48 -20.34
N SER A 368 -14.35 -31.49 -21.05
CA SER A 368 -14.81 -32.86 -20.86
C SER A 368 -16.33 -32.95 -21.00
N ASN A 369 -16.86 -32.29 -22.02
CA ASN A 369 -18.29 -32.38 -22.32
C ASN A 369 -18.55 -32.46 -23.83
N ALA A 370 -18.83 -33.66 -24.32
CA ALA A 370 -19.00 -33.88 -25.76
C ALA A 370 -20.10 -33.03 -26.39
N ALA A 371 -21.08 -32.62 -25.59
CA ALA A 371 -22.23 -31.88 -26.11
C ALA A 371 -22.03 -30.37 -26.04
N GLN A 372 -20.87 -29.92 -25.55
CA GLN A 372 -20.56 -28.50 -25.49
C GLN A 372 -19.37 -28.21 -26.40
N LEU A 373 -19.64 -27.54 -27.52
CA LEU A 373 -18.60 -27.22 -28.49
C LEU A 373 -17.95 -25.89 -28.15
N VAL A 374 -16.65 -25.91 -27.82
CA VAL A 374 -15.93 -24.69 -27.51
C VAL A 374 -15.05 -24.27 -28.69
N VAL A 375 -15.43 -23.17 -29.33
CA VAL A 375 -14.63 -22.60 -30.41
C VAL A 375 -14.46 -21.10 -30.18
N ASP A 376 -13.29 -20.59 -30.53
CA ASP A 376 -12.99 -19.16 -30.38
C ASP A 376 -13.38 -18.59 -29.01
N GLY A 377 -13.25 -19.39 -27.97
CA GLY A 377 -13.48 -18.94 -26.60
C GLY A 377 -14.93 -18.82 -26.19
N ILE A 378 -15.85 -19.14 -27.10
CA ILE A 378 -17.27 -19.15 -26.75
C ILE A 378 -17.81 -20.58 -26.75
N MET A 379 -18.85 -20.82 -25.95
CA MET A 379 -19.43 -22.15 -25.78
C MET A 379 -20.72 -22.35 -26.60
N ILE A 380 -20.71 -23.35 -27.47
CA ILE A 380 -21.88 -23.67 -28.30
C ILE A 380 -22.47 -25.02 -27.92
N PRO A 381 -23.68 -25.01 -27.37
CA PRO A 381 -24.34 -26.25 -26.98
C PRO A 381 -24.73 -27.09 -28.20
N LEU A 382 -24.84 -28.39 -28.04
CA LEU A 382 -25.13 -29.26 -29.17
C LEU A 382 -26.44 -30.02 -29.01
N LEU A 383 -27.20 -29.70 -27.97
CA LEU A 383 -28.49 -30.32 -27.72
C LEU A 383 -29.50 -29.26 -27.30
N PRO A 384 -30.66 -29.23 -27.96
CA PRO A 384 -31.70 -28.20 -27.77
C PRO A 384 -32.50 -28.32 -26.47
N LYS A 385 -32.07 -27.64 -25.41
CA LYS A 385 -32.82 -27.65 -24.15
C LYS A 385 -34.27 -27.22 -24.36
N GLU A 403 -34.91 -37.06 -36.17
CA GLU A 403 -34.07 -36.14 -35.42
C GLU A 403 -32.61 -36.58 -35.48
N PHE A 404 -32.32 -37.51 -36.38
CA PHE A 404 -30.94 -37.94 -36.60
C PHE A 404 -30.13 -36.76 -37.09
N THR A 405 -28.84 -36.77 -36.78
CA THR A 405 -27.99 -35.59 -36.94
C THR A 405 -28.66 -34.40 -36.26
N ARG A 406 -28.52 -33.23 -36.86
CA ARG A 406 -29.18 -32.00 -36.42
C ARG A 406 -28.59 -30.86 -37.24
N LYS A 407 -29.24 -29.70 -37.28
CA LYS A 407 -28.62 -28.52 -37.86
C LYS A 407 -29.14 -27.24 -37.22
N PHE A 408 -28.25 -26.25 -37.06
CA PHE A 408 -28.63 -24.96 -36.51
C PHE A 408 -27.51 -23.93 -36.63
N GLU A 409 -27.80 -22.70 -36.23
CA GLU A 409 -26.82 -21.63 -36.15
C GLU A 409 -26.90 -20.94 -34.80
N HIS A 410 -25.87 -20.15 -34.49
CA HIS A 410 -25.77 -19.52 -33.18
C HIS A 410 -24.87 -18.29 -33.21
N THR A 411 -25.30 -17.21 -32.55
CA THR A 411 -24.52 -15.98 -32.46
C THR A 411 -24.36 -15.56 -31.00
N PRO A 412 -23.10 -15.42 -30.56
CA PRO A 412 -22.78 -15.06 -29.18
C PRO A 412 -23.20 -13.62 -28.84
N GLU A 413 -23.36 -13.34 -27.56
CA GLU A 413 -23.74 -12.01 -27.09
C GLU A 413 -24.92 -11.46 -27.88
N THR A 442 -16.05 -13.41 -35.88
CA THR A 442 -16.98 -14.09 -36.77
C THR A 442 -18.43 -13.84 -36.36
N LYS A 443 -19.25 -13.45 -37.33
CA LYS A 443 -20.64 -13.11 -37.07
C LYS A 443 -21.36 -14.26 -36.36
N THR A 444 -21.68 -15.30 -37.12
CA THR A 444 -22.47 -16.41 -36.60
C THR A 444 -21.82 -17.75 -36.93
N TYR A 445 -22.13 -18.76 -36.14
CA TYR A 445 -21.62 -20.11 -36.38
C TYR A 445 -22.71 -21.03 -36.91
N GLU A 446 -22.42 -21.68 -38.02
CA GLU A 446 -23.32 -22.70 -38.54
C GLU A 446 -22.77 -24.09 -38.21
N VAL A 447 -23.60 -24.89 -37.55
CA VAL A 447 -23.18 -26.21 -37.12
C VAL A 447 -24.13 -27.31 -37.56
N GLU A 448 -23.58 -28.39 -38.12
CA GLU A 448 -24.32 -29.62 -38.32
C GLU A 448 -23.69 -30.71 -37.47
N VAL A 449 -24.47 -31.28 -36.56
CA VAL A 449 -23.92 -32.23 -35.59
C VAL A 449 -24.62 -33.59 -35.60
N CYS A 450 -23.82 -34.63 -35.39
CA CYS A 450 -24.31 -36.00 -35.34
C CYS A 450 -23.69 -36.67 -34.13
N CYS A 451 -24.41 -37.58 -33.47
CA CYS A 451 -25.75 -37.98 -33.87
C CYS A 451 -26.66 -38.00 -32.64
N SER A 452 -27.93 -38.31 -32.87
CA SER A 452 -28.91 -38.30 -31.78
C SER A 452 -28.73 -39.47 -30.81
N ASN A 453 -28.07 -40.52 -31.27
CA ASN A 453 -27.94 -41.73 -30.46
C ASN A 453 -26.59 -41.79 -29.73
N LEU A 454 -25.75 -40.80 -30.01
CA LEU A 454 -24.44 -40.71 -29.38
C LEU A 454 -24.50 -39.77 -28.19
N ASN A 455 -23.86 -40.15 -27.09
CA ASN A 455 -23.94 -39.36 -25.87
C ASN A 455 -22.59 -38.92 -25.29
N TYR A 456 -21.49 -39.49 -25.78
CA TYR A 456 -20.18 -39.11 -25.30
C TYR A 456 -19.30 -38.71 -26.47
N LEU A 457 -19.96 -38.45 -27.60
CA LEU A 457 -19.27 -38.24 -28.86
C LEU A 457 -20.18 -37.43 -29.78
N LYS A 458 -19.63 -36.35 -30.34
CA LYS A 458 -20.35 -35.50 -31.29
C LYS A 458 -19.41 -35.12 -32.42
N TYR A 459 -19.93 -35.12 -33.64
CA TYR A 459 -19.13 -34.75 -34.80
C TYR A 459 -20.01 -34.23 -35.93
N GLY A 460 -19.43 -33.37 -36.77
CA GLY A 460 -20.18 -32.79 -37.87
C GLY A 460 -19.47 -31.67 -38.59
N MET A 461 -20.24 -30.67 -38.99
CA MET A 461 -19.71 -29.58 -39.78
C MET A 461 -19.81 -28.25 -39.03
N LEU A 462 -18.80 -27.41 -39.21
CA LEU A 462 -18.76 -26.12 -38.56
C LEU A 462 -18.36 -25.07 -39.56
N THR A 463 -19.13 -23.98 -39.62
CA THR A 463 -18.80 -22.92 -40.56
C THR A 463 -18.91 -21.55 -39.91
N ARG A 464 -17.88 -20.73 -40.14
CA ARG A 464 -17.83 -19.36 -39.63
C ARG A 464 -18.17 -18.39 -40.76
N LYS A 465 -18.68 -17.22 -40.39
CA LYS A 465 -19.02 -16.20 -41.39
C LYS A 465 -18.86 -14.80 -40.80
N VAL A 487 -16.06 -16.55 -45.40
CA VAL A 487 -16.72 -17.70 -44.79
C VAL A 487 -15.82 -18.94 -44.70
N GLU A 488 -15.69 -19.47 -43.49
CA GLU A 488 -14.80 -20.59 -43.23
C GLU A 488 -15.60 -21.86 -42.98
N GLN A 489 -15.02 -23.00 -43.33
CA GLN A 489 -15.70 -24.28 -43.13
C GLN A 489 -14.73 -25.35 -42.62
N SER A 490 -15.20 -26.10 -41.62
CA SER A 490 -14.38 -27.13 -40.99
C SER A 490 -15.27 -28.30 -40.59
N MET A 491 -14.65 -29.45 -40.36
CA MET A 491 -15.32 -30.54 -39.67
C MET A 491 -14.81 -30.53 -38.23
N PHE A 492 -15.55 -31.15 -37.32
CA PHE A 492 -15.12 -31.25 -35.95
C PHE A 492 -15.55 -32.57 -35.36
N LEU A 493 -14.79 -33.01 -34.36
CA LEU A 493 -15.17 -34.17 -33.58
C LEU A 493 -14.69 -33.97 -32.16
N GLN A 494 -15.52 -34.38 -31.20
CA GLN A 494 -15.15 -34.29 -29.80
C GLN A 494 -15.86 -35.36 -28.99
N GLY A 495 -15.13 -35.95 -28.06
CA GLY A 495 -15.66 -37.04 -27.28
C GLY A 495 -14.93 -37.17 -25.97
N GLU A 496 -15.58 -37.85 -25.02
CA GLU A 496 -14.99 -38.07 -23.71
C GLU A 496 -14.46 -39.49 -23.67
N ARG A 497 -13.15 -39.62 -23.55
CA ARG A 497 -12.53 -40.94 -23.62
C ARG A 497 -12.97 -41.83 -22.45
N THR A 498 -13.09 -43.12 -22.70
CA THR A 498 -13.36 -44.05 -21.61
C THR A 498 -12.05 -44.25 -20.85
N ASP A 499 -12.15 -44.38 -19.52
CA ASP A 499 -10.98 -44.66 -18.70
C ASP A 499 -10.28 -45.91 -19.23
N GLU A 500 -8.96 -45.84 -19.35
CA GLU A 500 -8.18 -46.94 -19.92
C GLU A 500 -8.44 -48.24 -19.16
N LYS A 501 -8.77 -48.11 -17.89
CA LYS A 501 -9.02 -49.27 -17.04
C LYS A 501 -10.43 -49.83 -17.27
N GLU A 502 -11.24 -49.12 -18.05
CA GLU A 502 -12.58 -49.58 -18.39
C GLU A 502 -12.68 -50.13 -19.81
N ILE A 503 -11.54 -50.20 -20.50
CA ILE A 503 -11.51 -50.75 -21.85
C ILE A 503 -11.86 -52.23 -21.81
N PRO A 504 -13.00 -52.62 -22.40
CA PRO A 504 -13.47 -54.01 -22.42
C PRO A 504 -12.46 -54.96 -23.06
N THR A 505 -12.55 -56.25 -22.71
CA THR A 505 -11.59 -57.24 -23.20
C THR A 505 -12.15 -58.05 -24.36
N ASP A 506 -13.41 -57.81 -24.68
CA ASP A 506 -14.11 -58.55 -25.74
C ASP A 506 -13.32 -58.59 -27.05
N GLN A 507 -13.32 -59.76 -27.69
CA GLN A 507 -12.48 -60.01 -28.86
C GLN A 507 -13.19 -59.76 -30.18
N ASN A 508 -14.51 -59.65 -30.13
CA ASN A 508 -15.26 -59.32 -31.33
C ASN A 508 -16.39 -58.35 -31.01
N VAL A 509 -16.22 -57.11 -31.45
CA VAL A 509 -17.18 -56.06 -31.16
C VAL A 509 -17.47 -55.21 -32.40
N VAL A 510 -18.73 -55.16 -32.79
CA VAL A 510 -19.14 -54.39 -33.95
C VAL A 510 -19.71 -53.03 -33.57
N TYR A 511 -19.27 -52.01 -34.31
CA TYR A 511 -19.78 -50.66 -34.15
C TYR A 511 -20.33 -50.18 -35.49
N ARG A 512 -21.46 -49.48 -35.45
CA ARG A 512 -22.10 -49.01 -36.67
C ARG A 512 -22.48 -47.53 -36.54
N GLY A 513 -22.35 -46.79 -37.63
CA GLY A 513 -22.66 -45.37 -37.63
C GLY A 513 -22.46 -44.76 -38.99
N SER A 514 -21.98 -43.51 -39.00
CA SER A 514 -21.77 -42.79 -40.26
C SER A 514 -20.50 -41.93 -40.22
N TRP A 515 -20.44 -40.94 -41.10
CA TRP A 515 -19.27 -40.08 -41.21
C TRP A 515 -19.54 -38.92 -42.14
N TYR A 516 -18.84 -37.80 -41.91
CA TYR A 516 -18.86 -36.68 -42.84
C TYR A 516 -17.61 -36.74 -43.70
N GLY A 517 -17.78 -36.52 -45.01
CA GLY A 517 -16.71 -36.69 -45.96
C GLY A 517 -16.50 -35.54 -46.94
N HIS A 518 -15.24 -35.22 -47.19
CA HIS A 518 -14.88 -34.18 -48.13
C HIS A 518 -13.58 -34.59 -48.80
N ILE A 519 -13.66 -34.82 -50.10
CA ILE A 519 -12.53 -35.38 -50.83
C ILE A 519 -12.56 -34.96 -52.30
N ALA A 520 -11.38 -34.92 -52.91
CA ALA A 520 -11.25 -34.47 -54.29
C ALA A 520 -9.85 -34.69 -54.87
N ASN A 521 -9.80 -35.26 -56.07
CA ASN A 521 -8.57 -35.29 -56.85
C ASN A 521 -8.68 -34.29 -57.99
N GLY A 522 -9.92 -33.94 -58.33
CA GLY A 522 -10.21 -32.93 -59.33
C GLY A 522 -11.37 -32.09 -58.82
N THR A 523 -12.59 -32.52 -59.13
CA THR A 523 -13.78 -31.91 -58.57
C THR A 523 -13.99 -32.48 -57.16
N SER A 524 -14.71 -31.74 -56.32
CA SER A 524 -14.85 -32.14 -54.93
C SER A 524 -16.12 -32.95 -54.67
N TRP A 525 -15.99 -33.94 -53.78
CA TRP A 525 -17.15 -34.67 -53.29
C TRP A 525 -17.36 -34.39 -51.81
N SER A 526 -18.59 -34.04 -51.46
CA SER A 526 -18.96 -33.83 -50.07
C SER A 526 -20.21 -34.63 -49.75
N GLY A 527 -20.18 -35.33 -48.63
CA GLY A 527 -21.31 -36.13 -48.20
C GLY A 527 -21.50 -36.09 -46.69
N ASN A 528 -22.64 -35.56 -46.25
CA ASN A 528 -22.99 -35.53 -44.84
C ASN A 528 -23.10 -36.94 -44.26
N ALA A 529 -23.28 -37.03 -42.95
CA ALA A 529 -23.55 -38.32 -42.32
C ALA A 529 -25.04 -38.61 -42.40
N SER A 530 -25.42 -39.87 -42.20
CA SER A 530 -26.82 -40.25 -42.23
C SER A 530 -27.05 -41.63 -41.64
N ASP A 531 -28.31 -41.92 -41.34
CA ASP A 531 -28.72 -43.24 -40.88
C ASP A 531 -29.07 -44.11 -42.09
N LYS A 532 -29.40 -43.43 -43.18
CA LYS A 532 -29.89 -44.07 -44.39
C LYS A 532 -29.43 -43.26 -45.60
N GLU A 533 -29.50 -43.83 -46.79
CA GLU A 533 -29.90 -45.22 -47.00
C GLU A 533 -28.70 -45.92 -47.60
N GLY A 534 -28.25 -45.41 -48.74
CA GLY A 534 -26.98 -45.76 -49.32
C GLY A 534 -26.02 -44.62 -49.05
N GLY A 535 -26.50 -43.62 -48.32
CA GLY A 535 -25.68 -42.50 -47.89
C GLY A 535 -24.55 -42.97 -47.00
N ASN A 536 -23.76 -42.03 -46.50
CA ASN A 536 -22.61 -42.36 -45.65
C ASN A 536 -22.93 -43.38 -44.58
N ARG A 537 -22.18 -44.48 -44.57
CA ARG A 537 -22.31 -45.52 -43.56
C ARG A 537 -20.94 -46.00 -43.10
N ALA A 538 -20.83 -46.28 -41.81
CA ALA A 538 -19.57 -46.76 -41.22
C ALA A 538 -19.78 -48.02 -40.37
N GLU A 539 -18.84 -48.95 -40.46
CA GLU A 539 -18.88 -50.16 -39.65
C GLU A 539 -17.47 -50.56 -39.20
N PHE A 540 -17.37 -50.99 -37.95
CA PHE A 540 -16.08 -51.35 -37.35
C PHE A 540 -16.19 -52.64 -36.54
N THR A 541 -15.17 -53.46 -36.64
CA THR A 541 -15.06 -54.61 -35.75
C THR A 541 -13.79 -54.41 -34.93
N VAL A 542 -13.94 -54.49 -33.61
CA VAL A 542 -12.82 -54.30 -32.71
C VAL A 542 -12.51 -55.55 -31.90
N ASN A 543 -11.25 -55.97 -31.94
CA ASN A 543 -10.77 -57.02 -31.05
C ASN A 543 -9.91 -56.41 -29.96
N PHE A 544 -10.55 -56.11 -28.82
CA PHE A 544 -9.85 -55.49 -27.71
C PHE A 544 -8.72 -56.35 -27.21
N ALA A 545 -8.99 -57.64 -27.05
CA ALA A 545 -7.97 -58.58 -26.60
C ALA A 545 -6.72 -58.48 -27.48
N ASP A 546 -6.92 -58.32 -28.78
CA ASP A 546 -5.79 -58.24 -29.71
C ASP A 546 -5.24 -56.82 -29.84
N LYS A 547 -5.95 -55.83 -29.29
CA LYS A 547 -5.58 -54.43 -29.48
C LYS A 547 -5.65 -54.11 -30.96
N LYS A 548 -6.70 -54.60 -31.61
CA LYS A 548 -6.81 -54.55 -33.06
C LYS A 548 -8.14 -53.94 -33.48
N ILE A 549 -8.13 -53.13 -34.52
CA ILE A 549 -9.34 -52.46 -34.96
C ILE A 549 -9.37 -52.32 -36.47
N THR A 550 -10.54 -52.56 -37.05
CA THR A 550 -10.72 -52.41 -38.49
C THR A 550 -12.15 -51.99 -38.78
N GLY A 551 -12.37 -51.49 -40.00
CA GLY A 551 -13.69 -51.05 -40.40
C GLY A 551 -13.67 -50.40 -41.77
N LYS A 552 -14.86 -50.00 -42.22
CA LYS A 552 -15.02 -49.51 -43.58
C LYS A 552 -15.99 -48.34 -43.61
N LEU A 553 -15.69 -47.35 -44.44
CA LEU A 553 -16.61 -46.25 -44.68
C LEU A 553 -17.02 -46.33 -46.14
N THR A 554 -18.32 -46.21 -46.41
CA THR A 554 -18.80 -46.28 -47.79
C THR A 554 -19.73 -45.13 -48.13
N ALA A 555 -19.60 -44.63 -49.36
CA ALA A 555 -20.44 -43.55 -49.85
C ALA A 555 -21.45 -44.07 -50.85
N GLU A 556 -20.96 -44.88 -51.78
CA GLU A 556 -21.72 -45.33 -52.92
C GLU A 556 -21.54 -46.82 -53.13
N ASN A 557 -21.08 -47.50 -52.07
CA ASN A 557 -20.89 -48.95 -52.09
C ASN A 557 -20.23 -49.48 -53.36
N THR A 562 -15.26 -45.46 -50.17
CA THR A 562 -14.65 -46.69 -49.67
C THR A 562 -13.23 -46.48 -49.13
N PHE A 563 -13.10 -46.59 -47.81
CA PHE A 563 -11.81 -46.55 -47.13
C PHE A 563 -11.70 -47.79 -46.27
N THR A 564 -10.48 -48.33 -46.15
CA THR A 564 -10.22 -49.47 -45.28
C THR A 564 -9.19 -49.12 -44.21
N ILE A 565 -9.58 -49.35 -42.96
CA ILE A 565 -8.82 -48.87 -41.81
C ILE A 565 -8.34 -50.00 -40.89
N GLU A 566 -7.02 -50.13 -40.77
CA GLU A 566 -6.41 -51.02 -39.77
C GLU A 566 -5.74 -50.17 -38.71
N GLY A 567 -5.73 -50.65 -37.47
CA GLY A 567 -5.13 -49.90 -36.38
C GLY A 567 -4.90 -50.69 -35.11
N MET A 568 -3.97 -50.21 -34.30
CA MET A 568 -3.71 -50.78 -32.99
C MET A 568 -4.38 -49.95 -31.90
N ILE A 569 -4.99 -50.63 -30.95
CA ILE A 569 -5.51 -49.97 -29.77
C ILE A 569 -4.40 -49.76 -28.76
N GLN A 570 -4.36 -48.54 -28.21
CA GLN A 570 -3.43 -48.21 -27.13
C GLN A 570 -4.18 -47.44 -26.05
N GLY A 571 -4.32 -48.04 -24.87
CA GLY A 571 -5.12 -47.46 -23.82
C GLY A 571 -6.55 -47.26 -24.31
N ASN A 572 -7.04 -46.03 -24.25
CA ASN A 572 -8.39 -45.73 -24.68
C ASN A 572 -8.41 -45.12 -26.08
N GLY A 573 -7.24 -45.10 -26.73
CA GLY A 573 -7.13 -44.56 -28.07
C GLY A 573 -6.60 -45.56 -29.09
N PHE A 574 -6.87 -45.29 -30.36
CA PHE A 574 -6.30 -46.10 -31.44
C PHE A 574 -5.61 -45.24 -32.49
N GLU A 575 -4.87 -45.89 -33.36
CA GLU A 575 -4.00 -45.23 -34.31
C GLU A 575 -3.71 -46.23 -35.41
N GLY A 576 -3.89 -45.80 -36.66
CA GLY A 576 -3.67 -46.69 -37.79
C GLY A 576 -3.72 -45.95 -39.10
N THR A 577 -4.23 -46.63 -40.12
CA THR A 577 -4.18 -46.13 -41.48
C THR A 577 -5.52 -46.25 -42.22
N ALA A 578 -5.72 -45.39 -43.20
CA ALA A 578 -6.91 -45.44 -44.03
C ALA A 578 -6.50 -45.34 -45.50
N LYS A 579 -6.97 -46.29 -46.31
CA LYS A 579 -6.59 -46.30 -47.73
C LYS A 579 -7.81 -46.43 -48.66
N THR A 580 -7.75 -45.77 -49.80
CA THR A 580 -8.74 -45.86 -50.87
C THR A 580 -8.59 -47.17 -51.60
N ALA A 581 -7.52 -47.89 -51.28
CA ALA A 581 -7.17 -49.13 -51.97
C ALA A 581 -6.97 -48.98 -53.49
N GLU A 582 -7.49 -49.95 -54.25
CA GLU A 582 -7.10 -50.12 -55.65
C GLU A 582 -8.24 -50.00 -56.67
N SER A 583 -8.22 -48.94 -57.49
CA SER A 583 -7.26 -47.85 -57.39
C SER A 583 -7.99 -46.55 -57.73
N GLY A 584 -7.80 -45.51 -56.91
CA GLY A 584 -8.58 -44.29 -57.06
C GLY A 584 -9.86 -44.52 -56.30
N PHE A 585 -10.81 -43.58 -56.31
CA PHE A 585 -12.06 -43.94 -55.64
C PHE A 585 -13.33 -43.85 -56.50
N ASP A 586 -13.95 -42.68 -56.62
CA ASP A 586 -14.84 -42.33 -57.72
C ASP A 586 -14.73 -40.89 -58.22
N LEU A 587 -15.05 -39.99 -57.29
CA LEU A 587 -15.47 -38.61 -57.57
C LEU A 587 -16.78 -38.53 -58.34
N ASP A 588 -17.86 -38.93 -57.66
CA ASP A 588 -19.24 -38.77 -58.10
C ASP A 588 -20.20 -38.71 -56.90
N PRO A 596 -11.84 -40.07 -63.34
CA PRO A 596 -11.32 -39.35 -62.17
C PRO A 596 -11.20 -40.27 -60.96
N LYS A 597 -9.97 -40.68 -60.65
CA LYS A 597 -9.73 -41.60 -59.54
C LYS A 597 -8.79 -40.97 -58.50
N ALA A 598 -9.22 -40.97 -57.24
CA ALA A 598 -8.40 -40.43 -56.15
C ALA A 598 -7.66 -41.55 -55.42
N TYR A 599 -6.34 -41.45 -55.36
CA TYR A 599 -5.51 -42.51 -54.79
C TYR A 599 -4.91 -42.12 -53.42
N ILE A 600 -5.61 -42.45 -52.34
CA ILE A 600 -5.10 -42.19 -51.00
C ILE A 600 -4.65 -43.48 -50.33
N THR A 601 -3.39 -43.56 -49.95
CA THR A 601 -2.88 -44.72 -49.21
C THR A 601 -1.91 -44.31 -48.10
N ASP A 602 -1.98 -45.02 -46.97
CA ASP A 602 -1.10 -44.77 -45.83
C ASP A 602 -1.42 -43.46 -45.09
N ALA A 603 -2.68 -43.05 -45.14
CA ALA A 603 -3.14 -41.87 -44.41
C ALA A 603 -3.23 -42.20 -42.92
N LYS A 604 -2.59 -41.38 -42.10
CA LYS A 604 -2.62 -41.58 -40.65
C LYS A 604 -4.03 -41.36 -40.11
N VAL A 605 -4.52 -42.32 -39.31
CA VAL A 605 -5.83 -42.21 -38.67
C VAL A 605 -5.70 -42.28 -37.15
N LYS A 606 -6.24 -41.28 -36.47
CA LYS A 606 -6.25 -41.28 -35.01
C LYS A 606 -7.68 -41.22 -34.48
N GLY A 607 -7.91 -41.83 -33.32
CA GLY A 607 -9.23 -41.90 -32.75
C GLY A 607 -9.25 -42.35 -31.30
N GLY A 608 -10.46 -42.53 -30.77
CA GLY A 608 -10.60 -42.93 -29.39
C GLY A 608 -11.90 -43.67 -29.11
N PHE A 609 -11.98 -44.24 -27.92
CA PHE A 609 -13.21 -44.85 -27.45
C PHE A 609 -13.82 -43.94 -26.41
N TYR A 610 -15.09 -43.63 -26.55
CA TYR A 610 -15.73 -42.67 -25.67
C TYR A 610 -16.84 -43.31 -24.86
N GLY A 611 -17.23 -42.62 -23.79
CA GLY A 611 -18.27 -43.11 -22.90
C GLY A 611 -17.77 -44.21 -21.98
N PRO A 612 -18.55 -44.52 -20.94
CA PRO A 612 -18.21 -45.59 -20.00
C PRO A 612 -18.25 -46.94 -20.69
N LYS A 613 -17.16 -47.71 -20.57
CA LYS A 613 -17.11 -49.05 -21.12
C LYS A 613 -17.09 -49.06 -22.64
N ALA A 614 -16.77 -47.90 -23.22
CA ALA A 614 -16.44 -47.81 -24.65
C ALA A 614 -17.56 -48.26 -25.60
N GLU A 615 -18.75 -47.68 -25.43
CA GLU A 615 -19.85 -47.97 -26.34
C GLU A 615 -19.72 -47.21 -27.65
N GLU A 616 -19.07 -46.06 -27.58
CA GLU A 616 -18.94 -45.20 -28.76
C GLU A 616 -17.48 -45.06 -29.14
N LEU A 617 -17.21 -44.96 -30.43
CA LEU A 617 -15.83 -44.78 -30.90
C LEU A 617 -15.78 -43.77 -32.03
N GLY A 618 -14.62 -43.14 -32.20
CA GLY A 618 -14.50 -42.05 -33.15
C GLY A 618 -13.08 -41.80 -33.59
N GLY A 619 -12.96 -41.22 -34.78
CA GLY A 619 -11.66 -40.93 -35.34
C GLY A 619 -11.78 -39.95 -36.47
N TRP A 620 -10.64 -39.62 -37.06
CA TRP A 620 -10.57 -38.62 -38.11
C TRP A 620 -9.27 -38.86 -38.85
N PHE A 621 -9.16 -38.32 -40.07
CA PHE A 621 -7.90 -38.37 -40.79
C PHE A 621 -7.77 -37.22 -41.78
N ALA A 622 -6.54 -36.75 -41.95
CA ALA A 622 -6.24 -35.68 -42.92
C ALA A 622 -5.21 -36.16 -43.94
N TYR A 623 -5.46 -35.85 -45.21
CA TYR A 623 -4.49 -36.18 -46.24
C TYR A 623 -4.30 -35.04 -47.23
N PRO A 624 -3.03 -34.73 -47.56
CA PRO A 624 -1.84 -35.45 -47.07
C PRO A 624 -1.37 -34.92 -45.71
N GLY A 625 -0.33 -35.56 -45.17
CA GLY A 625 0.21 -35.19 -43.87
C GLY A 625 1.18 -34.02 -43.96
N ALA A 642 -3.45 -36.22 -57.39
CA ALA A 642 -3.64 -34.89 -56.81
C ALA A 642 -4.90 -34.86 -55.94
N SER A 643 -5.04 -35.86 -55.08
CA SER A 643 -6.26 -36.03 -54.30
C SER A 643 -6.11 -35.74 -52.80
N SER A 644 -7.07 -35.00 -52.27
CA SER A 644 -7.08 -34.65 -50.85
C SER A 644 -8.14 -35.45 -50.13
N ALA A 645 -8.34 -35.17 -48.84
CA ALA A 645 -9.40 -35.82 -48.06
C ALA A 645 -9.38 -35.42 -46.60
N THR A 646 -10.56 -35.08 -46.08
CA THR A 646 -10.73 -34.84 -44.66
C THR A 646 -12.01 -35.51 -44.20
N VAL A 647 -11.91 -36.36 -43.18
CA VAL A 647 -13.06 -37.14 -42.74
C VAL A 647 -13.17 -37.28 -41.23
N VAL A 648 -14.37 -36.99 -40.71
CA VAL A 648 -14.70 -37.38 -39.34
C VAL A 648 -15.75 -38.49 -39.34
N PHE A 649 -15.59 -39.45 -38.43
CA PHE A 649 -16.56 -40.54 -38.31
C PHE A 649 -16.77 -40.94 -36.86
N GLY A 650 -17.95 -41.49 -36.59
CA GLY A 650 -18.27 -42.00 -35.27
C GLY A 650 -19.25 -43.16 -35.37
N ALA A 651 -19.01 -44.20 -34.59
CA ALA A 651 -19.87 -45.38 -34.60
C ALA A 651 -20.33 -45.75 -33.18
N LYS A 652 -21.40 -46.53 -33.10
CA LYS A 652 -21.95 -46.96 -31.82
C LYS A 652 -21.86 -48.48 -31.69
N ARG A 653 -21.67 -48.95 -30.46
CA ARG A 653 -21.53 -50.37 -30.18
C ARG A 653 -22.89 -51.06 -30.27
N GLN A 654 -22.89 -52.30 -30.74
CA GLN A 654 -24.12 -53.08 -30.83
C GLN A 654 -24.36 -53.93 -29.58
N GLN A 655 -24.87 -55.14 -29.78
CA GLN A 655 -25.09 -56.05 -28.66
C GLN A 655 -25.87 -57.29 -29.09
N PRO A 656 -25.56 -58.44 -28.49
CA PRO A 656 -26.23 -59.72 -28.77
C PRO A 656 -27.75 -59.63 -28.61
N ASP B 4 15.15 32.87 12.62
CA ASP B 4 13.82 33.35 12.30
C ASP B 4 13.10 33.80 13.55
N GLN B 5 11.88 33.31 13.74
CA GLN B 5 11.00 33.81 14.78
C GLN B 5 10.69 32.68 15.78
N GLY B 6 11.40 31.56 15.63
CA GLY B 6 11.39 30.46 16.56
C GLY B 6 10.10 29.67 16.64
N GLY B 7 10.18 28.42 17.09
CA GLY B 7 9.00 27.60 17.28
C GLY B 7 9.33 26.12 17.34
N TYR B 8 8.41 25.32 17.85
CA TYR B 8 8.60 23.88 18.00
C TYR B 8 8.45 23.14 16.68
N GLY B 9 7.79 23.76 15.73
CA GLY B 9 7.59 23.10 14.46
C GLY B 9 6.69 23.86 13.51
N PHE B 10 6.71 23.41 12.26
CA PHE B 10 5.96 24.06 11.19
C PHE B 10 5.36 23.03 10.24
N ALA B 11 4.21 23.38 9.70
CA ALA B 11 3.47 22.51 8.81
C ALA B 11 2.99 23.35 7.65
N MET B 12 2.84 22.71 6.51
CA MET B 12 2.33 23.36 5.31
C MET B 12 1.34 22.41 4.61
N ARG B 13 0.15 22.92 4.32
CA ARG B 13 -0.91 22.08 3.74
C ARG B 13 -0.78 21.92 2.22
N LEU B 14 -1.12 20.75 1.73
CA LEU B 14 -1.30 20.56 0.30
C LEU B 14 -2.33 21.55 -0.23
N LYS B 15 -2.14 22.00 -1.48
CA LYS B 15 -3.12 22.82 -2.18
C LYS B 15 -3.97 21.98 -3.14
N ARG B 16 -5.23 22.38 -3.30
CA ARG B 16 -6.08 21.85 -4.35
C ARG B 16 -6.61 23.01 -5.18
N ARG B 17 -6.41 22.97 -6.50
CA ARG B 17 -6.76 24.06 -7.42
C ARG B 17 -8.26 24.02 -7.82
N ASN B 18 -8.93 25.17 -7.83
CA ASN B 18 -10.31 25.22 -8.34
C ASN B 18 -10.37 25.03 -9.85
N TRP B 19 -10.99 23.95 -10.33
CA TRP B 19 -11.16 23.77 -11.79
C TRP B 19 -12.60 23.84 -12.27
N TYR B 20 -13.45 24.49 -11.48
CA TYR B 20 -14.79 24.74 -11.98
C TYR B 20 -14.72 25.53 -13.28
N PRO B 21 -15.35 25.05 -14.36
CA PRO B 21 -15.06 25.73 -15.63
C PRO B 21 -15.64 27.13 -15.62
N GLY B 22 -14.85 28.11 -15.99
CA GLY B 22 -15.36 29.47 -15.98
C GLY B 22 -14.97 30.18 -14.71
N ALA B 23 -14.53 29.44 -13.72
CA ALA B 23 -14.17 30.10 -12.49
C ALA B 23 -12.88 29.51 -12.00
N GLU B 24 -12.07 29.08 -12.96
CA GLU B 24 -10.90 28.25 -12.69
C GLU B 24 -9.70 29.09 -12.22
N GLU B 25 -9.00 28.60 -11.21
CA GLU B 25 -7.72 29.18 -10.85
C GLU B 25 -6.72 28.49 -11.77
N SER B 26 -5.94 29.26 -12.53
CA SER B 26 -4.90 28.64 -13.35
C SER B 26 -3.72 28.21 -12.50
N GLU B 27 -3.59 28.82 -11.32
CA GLU B 27 -2.51 28.44 -10.42
C GLU B 27 -2.75 28.84 -8.97
N VAL B 28 -2.18 28.07 -8.05
CA VAL B 28 -2.21 28.43 -6.64
C VAL B 28 -0.79 28.28 -6.18
N LYS B 29 -0.16 29.41 -5.89
CA LYS B 29 1.20 29.44 -5.38
C LYS B 29 1.27 29.19 -3.87
N LEU B 30 2.44 28.82 -3.38
CA LEU B 30 2.65 28.69 -1.95
C LEU B 30 3.06 30.06 -1.40
N ASN B 31 2.84 30.30 -0.12
CA ASN B 31 3.18 31.59 0.48
C ASN B 31 3.76 31.38 1.87
N GLU B 32 4.64 32.28 2.27
CA GLU B 32 5.19 32.24 3.61
C GLU B 32 4.08 32.21 4.64
N SER B 33 2.98 32.90 4.35
CA SER B 33 1.87 32.96 5.26
C SER B 33 1.16 31.61 5.39
N ASP B 34 1.45 30.68 4.49
CA ASP B 34 0.89 29.33 4.58
C ASP B 34 1.51 28.47 5.68
N TRP B 35 2.71 28.81 6.17
CA TRP B 35 3.29 28.03 7.26
C TRP B 35 2.42 28.06 8.52
N GLU B 36 2.23 26.92 9.14
CA GLU B 36 1.50 26.84 10.41
C GLU B 36 2.39 26.28 11.51
N ALA B 37 2.28 26.87 12.68
CA ALA B 37 2.98 26.41 13.86
C ALA B 37 2.36 25.07 14.25
N THR B 38 3.17 24.12 14.69
CA THR B 38 2.63 22.85 15.16
C THR B 38 2.38 22.81 16.67
N GLY B 39 3.03 23.68 17.44
CA GLY B 39 3.05 23.50 18.88
C GLY B 39 4.01 22.41 19.33
N LEU B 40 4.22 22.31 20.64
CA LEU B 40 5.13 21.31 21.15
C LEU B 40 4.43 19.97 21.23
N PRO B 41 5.04 18.96 20.60
CA PRO B 41 4.50 17.60 20.67
C PRO B 41 4.86 16.93 21.98
N THR B 42 3.90 16.23 22.59
CA THR B 42 4.20 15.32 23.68
C THR B 42 5.07 14.16 23.20
N LYS B 43 4.77 13.67 22.00
CA LYS B 43 5.52 12.58 21.41
C LYS B 43 5.83 12.93 19.95
N PRO B 44 7.10 13.21 19.67
CA PRO B 44 7.50 13.68 18.34
C PRO B 44 7.14 12.69 17.24
N LYS B 45 7.07 11.41 17.56
CA LYS B 45 6.75 10.38 16.58
C LYS B 45 5.27 10.43 16.14
N GLU B 46 4.44 11.19 16.87
CA GLU B 46 3.03 11.30 16.52
C GLU B 46 2.85 12.49 15.60
N LEU B 47 1.71 12.51 14.89
CA LEU B 47 1.36 13.63 14.05
C LEU B 47 1.14 14.89 14.88
N PRO B 48 1.41 16.07 14.32
CA PRO B 48 1.11 17.29 15.06
C PRO B 48 -0.40 17.47 15.23
N LYS B 49 -0.85 17.69 16.47
CA LYS B 49 -2.25 17.59 16.85
C LYS B 49 -3.19 18.58 16.15
N ARG B 50 -2.79 19.84 16.02
CA ARG B 50 -3.67 20.83 15.40
C ARG B 50 -3.96 20.39 13.97
N GLN B 51 -2.92 20.03 13.23
CA GLN B 51 -3.07 19.74 11.82
C GLN B 51 -3.74 18.38 11.62
N LYS B 52 -3.46 17.46 12.53
CA LYS B 52 -4.13 16.17 12.50
C LYS B 52 -5.65 16.35 12.61
N SER B 53 -6.07 17.19 13.55
CA SER B 53 -7.51 17.44 13.76
C SER B 53 -8.14 18.00 12.50
N VAL B 54 -7.44 18.89 11.82
CA VAL B 54 -7.94 19.42 10.54
C VAL B 54 -8.15 18.26 9.56
N ILE B 55 -7.14 17.41 9.42
CA ILE B 55 -7.25 16.32 8.45
C ILE B 55 -8.31 15.31 8.88
N GLU B 56 -8.47 15.09 10.19
CA GLU B 56 -9.52 14.19 10.65
C GLU B 56 -10.88 14.65 10.16
N LYS B 57 -11.08 15.95 10.04
CA LYS B 57 -12.40 16.47 9.65
C LYS B 57 -12.56 16.54 8.14
N VAL B 58 -11.45 16.43 7.42
CA VAL B 58 -11.51 16.40 5.94
C VAL B 58 -12.39 15.23 5.48
N GLU B 59 -13.35 15.52 4.62
CA GLU B 59 -14.28 14.49 4.20
CA GLU B 59 -14.30 14.54 4.15
C GLU B 59 -13.67 13.55 3.18
N THR B 60 -14.01 12.28 3.33
CA THR B 60 -13.63 11.26 2.36
C THR B 60 -14.89 10.55 1.87
N ASP B 61 -14.77 9.77 0.80
CA ASP B 61 -15.93 9.07 0.24
C ASP B 61 -15.42 7.76 -0.41
N GLY B 62 -15.07 6.78 0.41
CA GLY B 62 -14.56 5.53 -0.08
C GLY B 62 -13.31 5.02 0.63
N ASP B 63 -12.43 5.94 1.05
CA ASP B 63 -11.24 5.56 1.81
C ASP B 63 -11.00 6.62 2.84
N SER B 64 -11.28 6.28 4.09
CA SER B 64 -11.20 7.22 5.21
C SER B 64 -9.85 7.24 5.93
N ASP B 65 -8.90 6.39 5.55
CA ASP B 65 -7.64 6.31 6.31
C ASP B 65 -6.75 7.52 6.17
N ILE B 66 -6.00 7.78 7.23
CA ILE B 66 -4.92 8.73 7.17
C ILE B 66 -3.64 7.98 6.86
N TYR B 67 -2.95 8.36 5.79
CA TYR B 67 -1.66 7.75 5.43
C TYR B 67 -0.55 8.68 5.90
N SER B 68 0.53 8.11 6.39
CA SER B 68 1.63 8.90 6.93
C SER B 68 2.98 8.25 6.68
N SER B 69 4.03 9.06 6.74
CA SER B 69 5.42 8.57 6.72
C SER B 69 5.57 7.29 7.54
N PRO B 70 6.29 6.29 6.99
CA PRO B 70 6.35 4.96 7.59
C PRO B 70 6.87 4.91 9.02
N TYR B 71 7.81 5.78 9.38
CA TYR B 71 8.39 5.79 10.75
C TYR B 71 7.48 6.53 11.76
N LEU B 72 6.40 7.15 11.28
CA LEU B 72 5.52 7.84 12.19
C LEU B 72 4.51 6.89 12.85
N THR B 73 3.99 7.30 14.01
CA THR B 73 2.94 6.58 14.70
C THR B 73 1.58 6.71 14.03
N PRO B 74 1.06 5.61 13.49
CA PRO B 74 -0.26 5.64 12.83
C PRO B 74 -1.28 6.29 13.77
N SER B 75 -1.17 5.97 15.05
CA SER B 75 -2.00 6.50 16.13
C SER B 75 -3.50 6.45 15.84
N ASN B 76 -4.26 7.30 16.53
CA ASN B 76 -5.72 7.34 16.43
C ASN B 76 -6.24 6.85 15.07
N ALA B 82 -6.49 6.12 9.67
CA ALA B 82 -5.15 5.66 10.05
C ALA B 82 -4.99 4.15 9.83
N GLY B 83 -4.42 3.81 8.69
CA GLY B 83 -4.22 2.43 8.28
C GLY B 83 -3.40 2.45 7.00
N ASN B 84 -3.36 1.32 6.28
CA ASN B 84 -2.56 1.23 5.06
C ASN B 84 -2.87 -0.03 4.23
N GLY B 85 -2.16 -0.18 3.12
CA GLY B 85 -2.19 -1.40 2.32
C GLY B 85 -0.99 -1.45 1.39
N VAL B 86 -0.58 -2.65 0.99
CA VAL B 86 0.61 -2.84 0.15
C VAL B 86 1.81 -2.08 0.72
N ASN B 87 1.90 -2.01 2.04
CA ASN B 87 2.84 -1.12 2.70
C ASN B 87 4.01 -1.79 3.46
N GLN B 88 5.22 -1.70 2.90
CA GLN B 88 6.43 -1.63 3.72
C GLN B 88 7.45 -0.66 3.08
N PRO B 89 7.07 0.62 2.87
CA PRO B 89 8.10 1.55 2.39
C PRO B 89 8.99 2.04 3.54
N LYS B 90 10.17 2.50 3.16
CA LYS B 90 11.08 3.04 4.16
C LYS B 90 11.48 4.42 3.72
N ASN B 91 11.80 5.26 4.69
CA ASN B 91 12.36 6.56 4.40
C ASN B 91 13.32 6.88 5.54
N GLN B 92 14.61 6.72 5.28
CA GLN B 92 15.62 6.81 6.32
C GLN B 92 17.02 6.93 5.73
N ALA B 93 17.88 7.64 6.44
CA ALA B 93 19.29 7.71 6.11
C ALA B 93 19.97 6.63 6.96
N THR B 94 20.63 5.67 6.32
CA THR B 94 21.12 4.53 7.10
C THR B 94 22.18 4.96 8.14
N GLY B 95 22.10 4.35 9.31
CA GLY B 95 22.91 4.75 10.46
C GLY B 95 22.41 6.00 11.19
N HIS B 96 21.34 6.62 10.68
CA HIS B 96 20.82 7.85 11.30
C HIS B 96 19.32 7.83 11.40
N GLU B 97 18.78 6.81 12.03
CA GLU B 97 17.33 6.59 11.95
C GLU B 97 16.61 6.62 13.28
N ASN B 98 17.33 6.60 14.38
CA ASN B 98 16.66 6.53 15.69
C ASN B 98 16.28 7.87 16.31
N PHE B 99 15.46 8.65 15.62
CA PHE B 99 15.09 9.96 16.13
C PHE B 99 14.36 9.89 17.49
N GLN B 100 14.68 10.80 18.40
CA GLN B 100 14.01 10.86 19.69
C GLN B 100 13.39 12.22 19.96
N TYR B 101 13.97 13.27 19.37
CA TYR B 101 13.55 14.63 19.69
C TYR B 101 12.81 15.32 18.55
N VAL B 102 13.13 14.95 17.31
CA VAL B 102 12.60 15.66 16.18
C VAL B 102 12.09 14.70 15.12
N TYR B 103 10.88 14.94 14.64
CA TYR B 103 10.36 14.20 13.49
C TYR B 103 9.89 15.14 12.40
N SER B 104 10.18 14.75 11.16
CA SER B 104 9.57 15.40 10.01
C SER B 104 8.89 14.30 9.19
N GLY B 105 7.90 14.69 8.40
CA GLY B 105 7.21 13.73 7.55
C GLY B 105 5.97 14.35 6.95
N TRP B 106 5.02 13.50 6.56
CA TRP B 106 3.79 13.93 5.92
C TRP B 106 2.66 13.02 6.37
N PHE B 107 1.44 13.48 6.14
CA PHE B 107 0.25 12.67 6.39
C PHE B 107 -0.85 13.27 5.53
N TYR B 108 -1.77 12.42 5.07
CA TYR B 108 -2.81 12.84 4.13
C TYR B 108 -3.94 11.84 4.03
N LYS B 109 -5.03 12.29 3.43
CA LYS B 109 -6.16 11.44 3.10
C LYS B 109 -6.39 11.52 1.60
N HIS B 110 -6.94 10.46 1.02
CA HIS B 110 -7.54 10.54 -0.31
C HIS B 110 -8.86 11.31 -0.20
N ALA B 111 -8.77 12.63 -0.12
CA ALA B 111 -9.93 13.46 0.18
C ALA B 111 -10.99 13.38 -0.91
N ALA B 112 -12.26 13.40 -0.50
CA ALA B 112 -13.36 13.54 -1.47
C ALA B 112 -13.19 14.83 -2.25
N SER B 113 -13.70 14.85 -3.46
CA SER B 113 -13.70 16.07 -4.26
C SER B 113 -14.70 17.06 -3.68
N GLU B 114 -14.38 18.34 -3.75
CA GLU B 114 -15.37 19.36 -3.46
C GLU B 114 -16.11 19.61 -4.76
N LYS B 115 -17.42 19.41 -4.74
CA LYS B 115 -18.22 19.46 -5.97
C LYS B 115 -19.34 20.48 -5.77
N ASP B 116 -18.95 21.70 -5.44
CA ASP B 116 -19.95 22.68 -5.09
C ASP B 116 -20.22 23.61 -6.20
N PHE B 117 -21.10 23.17 -7.09
CA PHE B 117 -21.35 23.95 -8.28
C PHE B 117 -21.97 25.27 -7.84
N SER B 118 -22.74 25.26 -6.77
CA SER B 118 -23.51 26.47 -6.47
C SER B 118 -22.59 27.55 -5.91
N ASN B 119 -21.43 27.14 -5.42
CA ASN B 119 -20.41 28.12 -5.14
C ASN B 119 -19.29 28.17 -6.22
N LYS B 120 -19.51 27.62 -7.45
CA LYS B 120 -18.47 27.53 -8.54
C LYS B 120 -17.12 27.07 -8.02
N LYS B 121 -17.13 25.94 -7.34
CA LYS B 121 -15.90 25.37 -6.84
C LYS B 121 -15.84 23.91 -7.12
N ILE B 122 -14.83 23.47 -7.86
CA ILE B 122 -14.55 22.05 -7.98
C ILE B 122 -13.08 21.86 -7.60
N LYS B 123 -12.82 21.00 -6.63
CA LYS B 123 -11.46 20.66 -6.22
C LYS B 123 -11.33 19.18 -5.96
N SER B 124 -10.20 18.62 -6.33
CA SER B 124 -10.02 17.19 -6.24
C SER B 124 -8.56 16.88 -5.91
N GLY B 125 -8.30 15.70 -5.35
CA GLY B 125 -6.95 15.29 -5.03
C GLY B 125 -6.71 15.08 -3.53
N ASP B 126 -5.50 14.64 -3.19
CA ASP B 126 -5.15 14.44 -1.78
C ASP B 126 -5.22 15.75 -0.98
N ASP B 127 -5.49 15.64 0.31
CA ASP B 127 -5.41 16.77 1.24
C ASP B 127 -4.58 16.29 2.42
N GLY B 128 -3.70 17.14 2.92
CA GLY B 128 -2.75 16.72 3.95
C GLY B 128 -1.71 17.78 4.23
N TYR B 129 -0.67 17.41 4.97
CA TYR B 129 0.40 18.34 5.35
C TYR B 129 1.75 17.65 5.26
N ILE B 130 2.79 18.44 4.98
CA ILE B 130 4.14 18.07 5.44
C ILE B 130 4.42 18.88 6.73
N PHE B 131 5.36 18.43 7.54
CA PHE B 131 5.65 19.12 8.79
C PHE B 131 7.00 18.66 9.34
N TYR B 132 7.54 19.44 10.27
CA TYR B 132 8.49 18.92 11.23
C TYR B 132 8.09 19.49 12.56
N HIS B 133 8.33 18.74 13.63
CA HIS B 133 8.25 19.30 14.96
C HIS B 133 9.27 18.62 15.89
N GLY B 134 9.62 19.31 16.97
CA GLY B 134 10.57 18.78 17.91
C GLY B 134 10.26 19.18 19.34
N GLU B 135 10.86 18.45 20.28
CA GLU B 135 10.85 18.85 21.67
C GLU B 135 12.27 19.15 22.16
N LYS B 136 12.37 19.87 23.28
CA LYS B 136 13.64 20.14 23.94
C LYS B 136 14.65 20.91 23.11
N PRO B 137 14.28 22.10 22.64
CA PRO B 137 15.27 22.89 21.89
C PRO B 137 16.52 23.10 22.75
N SER B 138 17.68 22.99 22.13
CA SER B 138 18.93 22.81 22.87
C SER B 138 19.44 24.09 23.55
N ARG B 139 20.01 23.94 24.73
CA ARG B 139 20.62 25.08 25.41
C ARG B 139 22.14 24.92 25.41
N GLN B 140 22.59 23.74 24.99
CA GLN B 140 24.02 23.49 24.80
C GLN B 140 24.29 22.80 23.48
N LEU B 141 25.46 23.07 22.94
CA LEU B 141 25.92 22.45 21.69
C LEU B 141 27.38 22.05 21.83
N PRO B 142 27.85 21.14 20.97
CA PRO B 142 29.29 20.91 21.01
C PRO B 142 30.02 22.24 20.86
N ALA B 143 31.09 22.41 21.62
CA ALA B 143 31.87 23.64 21.54
C ALA B 143 32.64 23.79 20.22
N SER B 144 32.95 22.66 19.57
CA SER B 144 33.82 22.70 18.41
C SER B 144 33.65 21.47 17.52
N GLY B 145 34.28 21.50 16.34
CA GLY B 145 34.30 20.34 15.46
C GLY B 145 33.18 20.29 14.42
N LYS B 146 33.45 19.60 13.32
CA LYS B 146 32.46 19.37 12.29
C LYS B 146 31.74 18.04 12.52
N VAL B 147 30.42 18.05 12.44
CA VAL B 147 29.66 16.85 12.78
C VAL B 147 28.66 16.54 11.67
N ILE B 148 28.62 15.27 11.26
CA ILE B 148 27.72 14.85 10.21
C ILE B 148 26.33 14.56 10.76
N TYR B 149 25.32 15.19 10.17
CA TYR B 149 23.91 14.88 10.47
C TYR B 149 23.27 14.37 9.21
N LYS B 150 22.46 13.31 9.34
CA LYS B 150 21.68 12.79 8.21
C LYS B 150 20.27 12.51 8.64
N GLY B 151 19.36 12.51 7.69
CA GLY B 151 17.97 12.23 7.97
C GLY B 151 17.14 12.27 6.70
N VAL B 152 15.96 12.86 6.79
CA VAL B 152 15.04 12.83 5.69
C VAL B 152 14.56 14.24 5.36
N TRP B 153 13.95 14.38 4.19
CA TRP B 153 13.28 15.63 3.85
C TRP B 153 12.03 15.36 3.04
N HIS B 154 11.13 16.34 2.99
CA HIS B 154 9.82 16.17 2.35
C HIS B 154 9.45 17.46 1.66
N PHE B 155 8.55 17.40 0.69
CA PHE B 155 8.21 18.62 -0.05
C PHE B 155 6.73 18.63 -0.43
N VAL B 156 6.22 19.84 -0.69
CA VAL B 156 4.90 20.01 -1.26
C VAL B 156 5.03 21.14 -2.29
N THR B 157 4.36 21.02 -3.44
CA THR B 157 4.49 22.03 -4.48
C THR B 157 3.25 22.92 -4.62
N ASP B 158 3.36 23.92 -5.48
CA ASP B 158 2.20 24.70 -5.88
C ASP B 158 1.36 23.87 -6.87
N THR B 159 0.28 24.43 -7.36
CA THR B 159 -0.53 23.76 -8.38
C THR B 159 -0.68 24.73 -9.53
N LYS B 160 -0.57 24.20 -10.74
CA LYS B 160 -0.73 25.05 -11.92
C LYS B 160 -1.31 24.25 -13.05
N LYS B 161 -2.30 24.81 -13.73
CA LYS B 161 -2.95 24.07 -14.81
C LYS B 161 -1.93 23.70 -15.92
N GLY B 162 -1.94 22.44 -16.36
CA GLY B 162 -1.02 21.97 -17.38
C GLY B 162 0.35 21.51 -16.83
N GLN B 163 0.66 21.86 -15.59
CA GLN B 163 1.95 21.50 -14.98
C GLN B 163 1.99 20.02 -14.53
N ASP B 164 3.13 19.36 -14.75
CA ASP B 164 3.41 18.07 -14.13
C ASP B 164 4.87 17.96 -13.71
N PHE B 165 5.17 17.05 -12.78
CA PHE B 165 6.51 16.79 -12.32
C PHE B 165 6.83 15.32 -12.52
N ARG B 166 6.75 14.87 -13.78
CA ARG B 166 6.83 13.43 -14.07
C ARG B 166 8.16 12.78 -13.67
N GLU B 167 9.21 13.57 -13.49
CA GLU B 167 10.46 13.02 -13.00
C GLU B 167 10.35 12.52 -11.56
N ILE B 168 9.46 13.12 -10.77
CA ILE B 168 9.31 12.66 -9.37
C ILE B 168 7.97 11.98 -9.09
N ILE B 169 6.91 12.38 -9.78
CA ILE B 169 5.58 11.82 -9.53
C ILE B 169 4.89 11.54 -10.84
N GLN B 170 4.53 10.28 -11.05
CA GLN B 170 3.88 9.88 -12.29
C GLN B 170 2.56 10.63 -12.31
N PRO B 171 2.31 11.39 -13.39
CA PRO B 171 1.21 12.35 -13.36
C PRO B 171 -0.16 11.80 -13.81
N SER B 172 -0.46 10.54 -13.52
CA SER B 172 -1.79 10.02 -13.94
C SER B 172 -2.95 10.72 -13.23
N LYS B 173 -2.72 11.27 -12.06
CA LYS B 173 -3.82 11.93 -11.38
C LYS B 173 -3.70 13.47 -11.39
N LYS B 174 -2.96 14.01 -12.35
CA LYS B 174 -2.71 15.46 -12.37
C LYS B 174 -2.01 16.02 -11.11
N GLN B 175 -1.13 15.23 -10.52
CA GLN B 175 -0.27 15.76 -9.44
C GLN B 175 0.54 16.96 -9.94
N GLY B 176 0.47 18.07 -9.20
CA GLY B 176 1.15 19.29 -9.59
C GLY B 176 0.21 20.24 -10.35
N ASP B 177 -0.96 19.74 -10.74
CA ASP B 177 -1.89 20.51 -11.55
C ASP B 177 -3.19 20.72 -10.75
N ARG B 178 -3.93 19.65 -10.48
CA ARG B 178 -5.12 19.71 -9.63
C ARG B 178 -4.85 19.75 -8.13
N TYR B 179 -3.80 19.06 -7.67
CA TYR B 179 -3.44 19.11 -6.27
C TYR B 179 -1.92 19.04 -6.18
N SER B 180 -1.36 19.53 -5.07
CA SER B 180 0.09 19.66 -4.92
C SER B 180 0.85 18.37 -5.19
N GLY B 181 1.96 18.47 -5.91
CA GLY B 181 2.93 17.40 -5.82
C GLY B 181 3.39 17.33 -4.37
N PHE B 182 3.55 16.13 -3.83
CA PHE B 182 4.15 15.97 -2.52
C PHE B 182 4.85 14.62 -2.36
N SER B 183 5.80 14.57 -1.45
CA SER B 183 6.66 13.41 -1.33
C SER B 183 5.92 12.16 -0.84
N GLY B 184 4.72 12.32 -0.29
CA GLY B 184 3.97 11.14 0.12
C GLY B 184 3.00 10.61 -0.93
N ASP B 185 2.97 11.18 -2.12
CA ASP B 185 1.97 10.75 -3.10
C ASP B 185 2.15 9.27 -3.48
N GLY B 186 1.04 8.58 -3.69
CA GLY B 186 1.06 7.20 -4.15
C GLY B 186 1.81 6.97 -5.46
N SER B 187 1.99 8.03 -6.25
CA SER B 187 2.70 7.87 -7.52
C SER B 187 4.15 8.38 -7.47
N GLU B 188 4.67 8.63 -6.26
CA GLU B 188 6.12 8.90 -6.12
C GLU B 188 6.79 7.54 -6.24
N GLU B 189 7.12 7.15 -7.46
CA GLU B 189 7.51 5.76 -7.69
C GLU B 189 8.92 5.60 -8.23
N TYR B 190 9.71 6.66 -8.16
CA TYR B 190 11.06 6.65 -8.70
C TYR B 190 12.15 6.64 -7.61
N SER B 191 11.77 6.73 -6.34
CA SER B 191 12.75 6.49 -5.29
C SER B 191 12.80 4.99 -4.97
N ASN B 192 13.79 4.62 -4.15
CA ASN B 192 13.99 3.20 -3.79
C ASN B 192 13.24 2.82 -2.53
N LYS B 193 12.26 3.63 -2.14
CA LYS B 193 11.61 3.46 -0.85
C LYS B 193 10.98 2.09 -0.64
N ASN B 194 10.69 1.39 -1.74
CA ASN B 194 10.07 0.08 -1.62
C ASN B 194 11.02 -1.06 -1.83
N GLU B 195 12.28 -0.77 -2.12
CA GLU B 195 13.24 -1.84 -2.41
C GLU B 195 13.72 -2.51 -1.14
N SER B 196 14.25 -3.72 -1.27
CA SER B 196 14.59 -4.55 -0.13
C SER B 196 16.06 -4.43 0.28
N THR B 197 16.90 -3.94 -0.63
CA THR B 197 18.30 -3.74 -0.30
C THR B 197 18.80 -2.47 -0.97
N LEU B 198 19.95 -2.00 -0.52
CA LEU B 198 20.51 -0.74 -0.98
C LEU B 198 21.64 -0.98 -1.95
N LYS B 199 21.77 -0.11 -2.94
CA LYS B 199 22.98 -0.05 -3.74
C LYS B 199 24.10 0.54 -2.88
N ASP B 200 25.34 0.32 -3.29
CA ASP B 200 26.44 0.63 -2.41
C ASP B 200 26.68 2.13 -2.31
N ASP B 201 26.10 2.91 -3.23
CA ASP B 201 26.20 4.36 -3.14
C ASP B 201 24.89 5.06 -2.72
N HIS B 202 23.87 4.29 -2.35
CA HIS B 202 22.68 4.89 -1.72
C HIS B 202 22.98 5.42 -0.30
N GLU B 203 22.40 6.56 0.06
CA GLU B 203 22.53 7.02 1.45
C GLU B 203 21.46 6.41 2.35
N GLY B 204 20.44 5.80 1.75
CA GLY B 204 19.35 5.23 2.52
C GLY B 204 18.14 5.06 1.64
N TYR B 205 16.95 5.18 2.22
CA TYR B 205 15.71 4.93 1.50
C TYR B 205 14.91 6.23 1.30
N GLY B 206 14.39 6.43 0.09
CA GLY B 206 13.54 7.57 -0.21
C GLY B 206 14.36 8.86 -0.33
N PHE B 207 13.78 9.97 0.12
CA PHE B 207 14.45 11.27 0.05
C PHE B 207 15.20 11.51 1.35
N THR B 208 16.52 11.65 1.27
CA THR B 208 17.34 11.83 2.47
C THR B 208 18.19 13.10 2.48
N SER B 209 18.53 13.52 3.69
CA SER B 209 19.31 14.73 3.91
C SER B 209 20.65 14.37 4.46
N ASN B 210 21.65 15.19 4.17
CA ASN B 210 22.99 15.02 4.69
C ASN B 210 23.53 16.39 5.01
N LEU B 211 23.77 16.67 6.30
CA LEU B 211 24.33 17.97 6.67
C LEU B 211 25.65 17.86 7.40
N GLU B 212 26.53 18.82 7.13
CA GLU B 212 27.77 18.91 7.89
C GLU B 212 27.69 20.16 8.75
N VAL B 213 27.64 19.96 10.06
CA VAL B 213 27.52 21.08 10.97
C VAL B 213 28.87 21.41 11.57
N ASP B 214 29.32 22.63 11.34
CA ASP B 214 30.60 23.10 11.86
C ASP B 214 30.37 23.96 13.11
N PHE B 215 30.39 23.32 14.28
CA PHE B 215 30.16 24.02 15.54
C PHE B 215 31.28 24.98 15.89
N GLY B 216 32.46 24.76 15.33
CA GLY B 216 33.58 25.65 15.57
C GLY B 216 33.37 27.00 14.92
N ASN B 217 32.87 26.98 13.69
CA ASN B 217 32.67 28.20 12.94
C ASN B 217 31.21 28.65 12.88
N LYS B 218 30.35 28.00 13.66
CA LYS B 218 28.94 28.39 13.73
C LYS B 218 28.30 28.42 12.34
N LYS B 219 28.55 27.39 11.55
CA LYS B 219 27.90 27.31 10.25
C LYS B 219 27.68 25.88 9.80
N LEU B 220 26.88 25.70 8.76
CA LEU B 220 26.58 24.37 8.25
C LEU B 220 26.37 24.36 6.75
N THR B 221 26.58 23.20 6.15
CA THR B 221 26.28 22.99 4.74
C THR B 221 25.53 21.68 4.63
N GLY B 222 25.00 21.39 3.45
CA GLY B 222 24.32 20.13 3.27
C GLY B 222 23.79 19.87 1.89
N LYS B 223 23.18 18.69 1.75
CA LYS B 223 22.68 18.20 0.47
C LYS B 223 21.40 17.48 0.71
N LEU B 224 20.43 17.71 -0.17
CA LEU B 224 19.17 16.99 -0.12
C LEU B 224 19.07 16.17 -1.40
N ILE B 225 18.93 14.85 -1.25
CA ILE B 225 18.93 13.98 -2.42
C ILE B 225 17.74 13.03 -2.45
N ARG B 226 17.57 12.38 -3.59
CA ARG B 226 16.69 11.24 -3.69
C ARG B 226 17.55 10.00 -3.91
N ASN B 227 17.24 8.94 -3.17
CA ASN B 227 17.81 7.61 -3.47
C ASN B 227 16.92 6.93 -4.51
N ASN B 228 17.47 6.65 -5.69
CA ASN B 228 16.73 6.24 -6.88
C ASN B 228 16.45 4.75 -6.94
N ALA B 229 15.25 4.39 -7.36
CA ALA B 229 14.89 3.00 -7.66
C ALA B 229 15.87 2.39 -8.66
N SER B 230 16.19 1.12 -8.47
CA SER B 230 17.09 0.38 -9.35
C SER B 230 16.21 -0.45 -10.28
N LEU B 231 15.79 0.15 -11.39
CA LEU B 231 14.80 -0.46 -12.28
C LEU B 231 15.45 -1.10 -13.51
N ASN B 237 25.15 -0.22 -12.98
CA ASN B 237 25.68 1.02 -13.56
C ASN B 237 24.56 2.04 -13.76
N ASP B 238 24.76 3.25 -13.24
CA ASP B 238 25.97 3.56 -12.48
C ASP B 238 25.68 4.24 -11.13
N LYS B 239 25.30 5.51 -11.12
CA LYS B 239 24.97 6.15 -9.85
C LYS B 239 23.47 6.18 -9.55
N HIS B 240 23.14 6.05 -8.28
CA HIS B 240 21.80 5.70 -7.85
C HIS B 240 21.14 6.75 -6.96
N THR B 241 21.73 7.95 -6.91
CA THR B 241 21.12 9.06 -6.20
C THR B 241 21.02 10.29 -7.11
N THR B 242 20.12 11.20 -6.78
CA THR B 242 20.02 12.46 -7.47
C THR B 242 19.95 13.59 -6.48
N GLN B 243 20.82 14.57 -6.64
CA GLN B 243 20.82 15.72 -5.74
C GLN B 243 19.92 16.85 -6.22
N TYR B 244 19.00 17.31 -5.36
CA TYR B 244 18.12 18.42 -5.73
C TYR B 244 18.50 19.76 -5.10
N TYR B 245 19.10 19.74 -3.92
CA TYR B 245 19.54 21.01 -3.30
C TYR B 245 20.85 20.84 -2.57
N SER B 246 21.60 21.94 -2.47
CA SER B 246 22.60 22.09 -1.43
C SER B 246 22.07 23.16 -0.47
N LEU B 247 22.60 23.18 0.74
CA LEU B 247 22.13 24.08 1.80
C LEU B 247 23.31 24.83 2.41
N ASP B 248 23.05 26.06 2.83
CA ASP B 248 24.09 26.85 3.54
C ASP B 248 23.43 27.69 4.62
N ALA B 249 23.98 27.64 5.82
CA ALA B 249 23.38 28.37 6.93
C ALA B 249 24.37 28.81 8.01
N GLN B 250 24.03 29.93 8.66
CA GLN B 250 24.75 30.44 9.83
C GLN B 250 24.01 30.01 11.09
N ILE B 251 24.76 29.57 12.09
CA ILE B 251 24.19 29.16 13.36
C ILE B 251 24.19 30.32 14.35
N THR B 252 23.04 30.61 14.94
CA THR B 252 23.00 31.60 16.01
C THR B 252 22.28 30.98 17.21
N GLY B 253 23.04 30.69 18.26
CA GLY B 253 22.49 29.98 19.40
C GLY B 253 22.02 28.60 18.97
N ASN B 254 20.79 28.25 19.30
CA ASN B 254 20.26 26.96 18.89
C ASN B 254 19.49 27.01 17.56
N ARG B 255 19.62 28.12 16.83
CA ARG B 255 18.91 28.33 15.56
C ARG B 255 19.90 28.45 14.41
N PHE B 256 19.42 28.20 13.20
CA PHE B 256 20.22 28.50 12.03
C PHE B 256 19.35 29.05 10.92
N ASN B 257 19.95 29.88 10.07
CA ASN B 257 19.26 30.56 8.98
C ASN B 257 20.19 30.64 7.78
N GLY B 258 19.64 30.52 6.59
CA GLY B 258 20.44 30.66 5.39
C GLY B 258 19.67 30.45 4.10
N THR B 259 20.27 29.69 3.19
CA THR B 259 19.75 29.55 1.85
C THR B 259 19.75 28.09 1.41
N ALA B 260 18.91 27.79 0.44
CA ALA B 260 18.98 26.53 -0.26
C ALA B 260 19.29 26.87 -1.70
N THR B 261 20.11 26.04 -2.33
CA THR B 261 20.47 26.26 -3.72
C THR B 261 19.99 25.10 -4.54
N ALA B 262 19.11 25.36 -5.51
CA ALA B 262 18.61 24.30 -6.39
C ALA B 262 19.77 23.78 -7.24
N THR B 263 19.98 22.48 -7.19
CA THR B 263 21.14 21.88 -7.84
C THR B 263 20.98 21.79 -9.35
N ASP B 264 19.80 21.40 -9.84
CA ASP B 264 19.66 21.44 -11.28
C ASP B 264 18.59 22.45 -11.55
N LYS B 265 18.93 23.69 -11.87
CA LYS B 265 17.93 24.57 -12.47
C LYS B 265 18.15 24.78 -13.96
N LYS B 266 19.30 24.32 -14.41
CA LYS B 266 19.80 24.57 -15.74
C LYS B 266 19.62 26.04 -16.11
N GLU B 267 19.26 26.28 -17.36
CA GLU B 267 18.66 27.52 -17.84
C GLU B 267 17.46 27.22 -18.76
N ASN B 268 17.79 26.53 -19.85
CA ASN B 268 16.89 26.14 -20.95
C ASN B 268 15.73 25.18 -20.61
N GLU B 269 15.70 24.69 -19.37
CA GLU B 269 14.73 23.68 -18.90
C GLU B 269 14.79 22.29 -19.63
N THR B 270 13.69 21.58 -19.93
CA THR B 270 12.30 21.94 -19.60
C THR B 270 11.85 21.59 -18.17
N LYS B 271 12.75 21.02 -17.37
CA LYS B 271 12.43 20.93 -15.94
C LYS B 271 11.21 20.09 -15.55
N LEU B 272 11.44 18.78 -15.49
CA LEU B 272 10.45 17.77 -15.13
C LEU B 272 10.26 17.56 -13.61
N HIS B 273 10.89 18.39 -12.80
CA HIS B 273 10.71 18.37 -11.36
C HIS B 273 10.53 19.80 -10.86
N PRO B 274 10.07 19.98 -9.58
CA PRO B 274 9.76 21.34 -9.07
C PRO B 274 10.95 22.07 -8.43
N PHE B 275 12.10 21.41 -8.32
CA PHE B 275 13.19 21.94 -7.52
C PHE B 275 14.09 22.81 -8.38
N VAL B 276 13.54 23.92 -8.87
CA VAL B 276 14.22 24.71 -9.88
C VAL B 276 14.67 26.10 -9.42
N SER B 277 14.33 26.47 -8.21
CA SER B 277 14.58 27.82 -7.74
C SER B 277 15.32 27.74 -6.40
N ASP B 278 16.22 28.68 -6.15
CA ASP B 278 16.86 28.79 -4.84
C ASP B 278 15.86 29.27 -3.82
N SER B 279 16.21 29.14 -2.54
CA SER B 279 15.43 29.71 -1.45
C SER B 279 16.31 30.55 -0.55
N SER B 280 15.83 31.73 -0.20
CA SER B 280 16.55 32.55 0.77
C SER B 280 15.91 32.46 2.15
N SER B 281 15.11 31.43 2.41
CA SER B 281 14.43 31.32 3.70
C SER B 281 14.62 29.96 4.38
N LEU B 282 15.80 29.39 4.27
CA LEU B 282 16.15 28.23 5.08
C LEU B 282 16.22 28.64 6.54
N SER B 283 15.47 27.96 7.39
CA SER B 283 15.57 28.17 8.83
C SER B 283 15.28 26.87 9.59
N GLY B 284 15.97 26.70 10.70
CA GLY B 284 15.78 25.54 11.54
C GLY B 284 16.41 25.75 12.91
N GLY B 285 16.48 24.67 13.67
CA GLY B 285 17.01 24.71 15.02
C GLY B 285 17.45 23.34 15.49
N PHE B 286 18.25 23.35 16.55
CA PHE B 286 18.77 22.13 17.16
C PHE B 286 17.90 21.73 18.33
N PHE B 287 17.76 20.42 18.52
CA PHE B 287 16.92 19.89 19.61
C PHE B 287 17.69 18.78 20.31
N GLY B 288 17.32 18.48 21.55
CA GLY B 288 18.04 17.48 22.33
C GLY B 288 19.08 18.12 23.26
N PRO B 289 19.56 17.36 24.26
CA PRO B 289 20.56 17.78 25.26
C PRO B 289 21.76 18.51 24.69
N GLN B 290 22.37 18.00 23.62
CA GLN B 290 23.45 18.75 22.97
C GLN B 290 23.25 18.95 21.47
N GLY B 291 22.00 19.22 21.09
CA GLY B 291 21.67 19.51 19.71
C GLY B 291 22.00 18.39 18.74
N GLU B 292 21.82 17.16 19.17
CA GLU B 292 22.16 16.00 18.36
C GLU B 292 21.10 15.70 17.29
N GLU B 293 20.01 16.47 17.30
CA GLU B 293 19.01 16.40 16.23
C GLU B 293 18.65 17.79 15.80
N LEU B 294 18.14 17.92 14.58
CA LEU B 294 17.72 19.22 14.07
C LEU B 294 16.50 19.10 13.16
N GLY B 295 15.75 20.20 13.03
CA GLY B 295 14.64 20.32 12.11
C GLY B 295 14.85 21.58 11.28
N PHE B 296 14.33 21.59 10.05
CA PHE B 296 14.42 22.76 9.18
C PHE B 296 13.28 22.85 8.16
N ARG B 297 13.14 24.02 7.55
CA ARG B 297 12.16 24.21 6.49
C ARG B 297 12.70 25.28 5.57
N PHE B 298 12.15 25.34 4.36
CA PHE B 298 12.32 26.51 3.50
C PHE B 298 11.22 26.56 2.47
N LEU B 299 11.10 27.74 1.84
CA LEU B 299 10.11 27.99 0.78
C LEU B 299 10.90 28.54 -0.40
N SER B 300 10.73 27.95 -1.57
CA SER B 300 11.49 28.40 -2.72
C SER B 300 11.08 29.84 -3.14
N ASP B 301 12.03 30.58 -3.69
CA ASP B 301 11.78 31.99 -4.00
C ASP B 301 10.72 32.17 -5.07
N ASP B 302 10.56 31.19 -5.95
CA ASP B 302 9.52 31.27 -6.96
C ASP B 302 8.19 30.71 -6.42
N GLN B 303 8.14 30.44 -5.12
CA GLN B 303 6.93 29.95 -4.46
C GLN B 303 6.33 28.67 -5.07
N LYS B 304 7.17 27.87 -5.71
CA LYS B 304 6.69 26.63 -6.31
CA LYS B 304 6.76 26.61 -6.34
C LYS B 304 6.85 25.42 -5.37
N VAL B 305 7.76 25.49 -4.41
CA VAL B 305 7.95 24.35 -3.52
C VAL B 305 8.34 24.72 -2.09
N ALA B 306 7.76 24.01 -1.12
CA ALA B 306 8.16 24.14 0.28
C ALA B 306 8.76 22.83 0.71
N VAL B 307 9.76 22.89 1.58
CA VAL B 307 10.47 21.72 2.04
C VAL B 307 10.55 21.77 3.56
N VAL B 308 10.39 20.61 4.20
CA VAL B 308 10.73 20.45 5.61
C VAL B 308 11.63 19.23 5.76
N GLY B 309 12.42 19.20 6.83
CA GLY B 309 13.23 18.02 7.05
C GLY B 309 13.78 17.91 8.45
N SER B 310 14.50 16.83 8.68
CA SER B 310 15.05 16.55 9.99
C SER B 310 16.33 15.75 9.79
N ALA B 311 17.25 15.86 10.75
CA ALA B 311 18.50 15.12 10.66
C ALA B 311 19.09 14.89 12.06
N LYS B 312 19.97 13.91 12.19
CA LYS B 312 20.50 13.56 13.51
C LYS B 312 21.93 13.07 13.38
N THR B 313 22.68 13.16 14.47
CA THR B 313 24.00 12.51 14.49
C THR B 313 23.80 11.00 14.42
N LYS B 314 24.87 10.30 14.09
CA LYS B 314 24.87 8.85 13.97
C LYS B 314 24.16 8.19 15.16
N ASP B 315 23.37 7.16 14.88
CA ASP B 315 22.70 6.40 15.91
C ASP B 315 23.72 5.77 16.87
N LYS B 316 23.41 5.75 18.16
CA LYS B 316 24.25 5.07 19.14
C LYS B 316 23.60 3.79 19.65
N SER B 343 33.38 14.95 24.18
CA SER B 343 32.82 16.08 23.46
C SER B 343 32.56 17.23 24.44
N LYS B 344 33.35 18.29 24.37
CA LYS B 344 33.14 19.44 25.23
C LYS B 344 31.99 20.29 24.71
N LEU B 345 31.14 20.73 25.63
CA LEU B 345 29.94 21.49 25.28
C LEU B 345 30.06 22.95 25.67
N THR B 346 29.31 23.79 24.99
CA THR B 346 29.19 25.18 25.37
C THR B 346 27.71 25.50 25.54
N THR B 347 27.40 26.42 26.45
CA THR B 347 26.03 26.79 26.74
C THR B 347 25.66 28.01 25.91
N VAL B 348 24.58 27.91 25.12
CA VAL B 348 24.23 29.02 24.23
C VAL B 348 23.15 29.95 24.79
N LEU B 349 22.41 29.49 25.80
CA LEU B 349 21.38 30.31 26.41
C LEU B 349 21.09 29.89 27.84
N ASP B 350 20.55 30.83 28.61
CA ASP B 350 19.97 30.49 29.90
C ASP B 350 18.51 30.85 29.81
N ALA B 351 17.66 29.97 30.33
CA ALA B 351 16.24 30.25 30.42
C ALA B 351 15.69 29.47 31.60
N VAL B 352 15.36 30.18 32.67
CA VAL B 352 14.94 29.53 33.90
C VAL B 352 13.70 30.15 34.52
N GLU B 353 12.97 29.32 35.24
CA GLU B 353 11.83 29.78 36.02
C GLU B 353 12.10 29.41 37.45
N LEU B 354 11.96 30.39 38.34
CA LEU B 354 12.13 30.16 39.77
C LEU B 354 10.76 30.28 40.43
N THR B 355 10.25 29.16 40.94
CA THR B 355 8.93 29.14 41.56
C THR B 355 9.03 29.57 43.02
N LEU B 356 8.22 30.56 43.40
CA LEU B 356 8.26 31.09 44.75
C LEU B 356 7.85 30.05 45.79
N ASN B 357 6.57 29.69 45.79
CA ASN B 357 6.02 28.77 46.78
C ASN B 357 6.97 27.65 47.21
N ASP B 358 7.73 27.11 46.27
CA ASP B 358 8.63 25.99 46.56
C ASP B 358 10.09 26.29 46.24
N LYS B 359 10.39 27.57 46.04
CA LYS B 359 11.76 28.03 45.82
C LYS B 359 12.56 27.16 44.83
N LYS B 360 11.86 26.49 43.92
CA LYS B 360 12.51 25.56 43.00
C LYS B 360 12.77 26.17 41.61
N ILE B 361 13.78 25.67 40.91
CA ILE B 361 14.21 26.27 39.66
C ILE B 361 14.17 25.31 38.48
N LYS B 362 13.31 25.64 37.50
CA LYS B 362 13.12 24.82 36.31
C LYS B 362 13.73 25.48 35.08
N ASN B 363 14.28 24.67 34.19
CA ASN B 363 14.69 25.15 32.89
C ASN B 363 13.46 25.44 32.00
N LEU B 364 13.49 26.56 31.30
CA LEU B 364 12.48 26.84 30.28
C LEU B 364 13.03 26.54 28.89
N ASP B 365 12.14 26.17 27.98
CA ASP B 365 12.49 26.11 26.58
C ASP B 365 12.76 27.53 26.09
N ASN B 366 13.64 27.66 25.11
CA ASN B 366 13.87 28.95 24.47
C ASN B 366 14.51 28.72 23.11
N PHE B 367 14.15 29.56 22.14
CA PHE B 367 14.68 29.40 20.78
C PHE B 367 15.77 30.42 20.50
N SER B 368 16.68 30.55 21.47
CA SER B 368 17.75 31.55 21.39
C SER B 368 17.22 32.94 21.08
N ASN B 369 16.17 33.33 21.79
CA ASN B 369 15.60 34.67 21.66
C ASN B 369 15.16 35.22 23.01
N ALA B 370 15.97 36.12 23.57
CA ALA B 370 15.73 36.64 24.91
C ALA B 370 14.38 37.33 25.06
N ALA B 371 13.86 37.86 23.96
CA ALA B 371 12.60 38.63 23.98
C ALA B 371 11.36 37.78 23.73
N GLN B 372 11.55 36.48 23.57
CA GLN B 372 10.44 35.56 23.40
C GLN B 372 10.41 34.57 24.55
N LEU B 373 9.44 34.74 25.44
CA LEU B 373 9.30 33.88 26.62
C LEU B 373 8.46 32.66 26.27
N VAL B 374 9.06 31.47 26.34
CA VAL B 374 8.33 30.24 26.08
C VAL B 374 8.00 29.51 27.37
N VAL B 375 6.71 29.44 27.68
CA VAL B 375 6.22 28.71 28.84
C VAL B 375 5.04 27.85 28.42
N ASP B 376 4.93 26.67 29.04
CA ASP B 376 3.82 25.76 28.78
C ASP B 376 3.52 25.57 27.29
N GLY B 377 4.55 25.61 26.47
CA GLY B 377 4.41 25.35 25.05
C GLY B 377 3.88 26.50 24.22
N ILE B 378 3.58 27.62 24.86
CA ILE B 378 3.12 28.80 24.13
C ILE B 378 4.19 29.89 24.17
N MET B 379 4.18 30.76 23.17
CA MET B 379 5.17 31.83 23.05
C MET B 379 4.64 33.21 23.46
N ILE B 380 5.31 33.82 24.43
CA ILE B 380 4.92 35.14 24.94
C ILE B 380 5.98 36.18 24.61
N PRO B 381 5.65 37.12 23.73
CA PRO B 381 6.61 38.17 23.36
C PRO B 381 6.86 39.12 24.53
N LEU B 382 8.01 39.77 24.54
CA LEU B 382 8.37 40.62 25.67
C LEU B 382 8.58 42.07 25.25
N LEU B 383 8.29 42.37 23.99
CA LEU B 383 8.39 43.73 23.48
C LEU B 383 7.16 44.07 22.64
N PRO B 384 6.51 45.21 22.93
CA PRO B 384 5.26 45.61 22.29
C PRO B 384 5.43 46.08 20.84
N GLU B 403 9.64 54.02 30.62
CA GLU B 403 9.35 52.72 30.01
C GLU B 403 10.29 51.65 30.57
N PHE B 404 10.98 51.98 31.65
CA PHE B 404 11.85 51.01 32.30
C PHE B 404 10.99 49.87 32.83
N THR B 405 11.57 48.69 32.91
CA THR B 405 10.82 47.47 33.13
C THR B 405 9.69 47.39 32.11
N ARG B 406 8.54 46.87 32.55
CA ARG B 406 7.32 46.82 31.75
C ARG B 406 6.33 45.95 32.52
N LYS B 407 5.05 46.01 32.18
CA LYS B 407 4.10 45.06 32.74
C LYS B 407 2.93 44.82 31.79
N PHE B 408 2.39 43.60 31.82
CA PHE B 408 1.28 43.24 30.95
C PHE B 408 0.79 41.82 31.18
N GLU B 409 -0.30 41.47 30.53
CA GLU B 409 -0.86 40.12 30.60
C GLU B 409 -1.17 39.61 29.21
N HIS B 410 -1.35 38.29 29.10
CA HIS B 410 -1.53 37.67 27.79
C HIS B 410 -2.28 36.34 27.91
N THR B 411 -3.23 36.12 26.99
CA THR B 411 -3.98 34.88 26.94
C THR B 411 -3.93 34.26 25.56
N PRO B 412 -3.46 33.01 25.48
CA PRO B 412 -3.29 32.29 24.21
C PRO B 412 -4.63 31.95 23.55
N GLU B 413 -4.60 31.70 22.25
CA GLU B 413 -5.80 31.36 21.49
C GLU B 413 -6.95 32.31 21.81
N THR B 442 -3.86 27.00 32.23
CA THR B 442 -3.86 28.29 32.92
C THR B 442 -4.54 29.36 32.07
N LYS B 443 -5.46 30.10 32.69
CA LYS B 443 -6.23 31.12 31.99
C LYS B 443 -5.31 32.12 31.28
N THR B 444 -4.72 33.01 32.05
CA THR B 444 -3.90 34.08 31.51
C THR B 444 -2.55 34.17 32.21
N TYR B 445 -1.57 34.74 31.52
CA TYR B 445 -0.24 34.93 32.10
C TYR B 445 0.00 36.39 32.43
N GLU B 446 0.42 36.65 33.66
CA GLU B 446 0.84 38.00 34.04
C GLU B 446 2.36 38.06 34.09
N VAL B 447 2.92 39.01 33.37
CA VAL B 447 4.36 39.14 33.28
C VAL B 447 4.85 40.55 33.57
N GLU B 448 5.87 40.65 34.43
CA GLU B 448 6.61 41.89 34.59
C GLU B 448 8.03 41.63 34.12
N VAL B 449 8.49 42.41 33.16
CA VAL B 449 9.78 42.15 32.53
C VAL B 449 10.71 43.36 32.54
N CYS B 450 12.00 43.07 32.74
CA CYS B 450 13.02 44.10 32.74
C CYS B 450 14.15 43.60 31.85
N CYS B 451 14.85 44.51 31.17
CA CYS B 451 14.59 45.95 31.24
C CYS B 451 14.58 46.51 29.83
N SER B 452 14.31 47.80 29.71
CA SER B 452 14.21 48.45 28.41
C SER B 452 15.56 48.62 27.71
N ASN B 453 16.64 48.60 28.49
CA ASN B 453 17.97 48.85 27.95
C ASN B 453 18.72 47.56 27.68
N LEU B 454 18.11 46.44 28.02
CA LEU B 454 18.70 45.13 27.79
C LEU B 454 18.16 44.52 26.51
N ASN B 455 19.06 43.93 25.72
CA ASN B 455 18.63 43.40 24.42
C ASN B 455 18.91 41.91 24.20
N TYR B 456 19.73 41.31 25.06
CA TYR B 456 20.03 39.89 24.95
C TYR B 456 19.72 39.18 26.25
N LEU B 457 18.93 39.85 27.08
CA LEU B 457 18.67 39.42 28.44
C LEU B 457 17.34 40.03 28.91
N LYS B 458 16.48 39.19 29.46
CA LYS B 458 15.21 39.64 30.01
C LYS B 458 14.93 38.87 31.29
N TYR B 459 14.40 39.55 32.29
CA TYR B 459 14.08 38.91 33.56
C TYR B 459 12.98 39.66 34.27
N GLY B 460 12.22 38.95 35.10
CA GLY B 460 11.14 39.56 35.85
C GLY B 460 10.23 38.57 36.54
N MET B 461 8.94 38.89 36.55
CA MET B 461 7.96 38.11 37.30
C MET B 461 6.96 37.46 36.36
N LEU B 462 6.57 36.24 36.70
CA LEU B 462 5.61 35.51 35.89
C LEU B 462 4.58 34.89 36.80
N THR B 463 3.31 35.11 36.48
CA THR B 463 2.24 34.53 37.29
C THR B 463 1.15 33.88 36.43
N ARG B 464 0.78 32.67 36.84
CA ARG B 464 -0.28 31.92 36.17
C ARG B 464 -1.56 32.02 36.99
N LYS B 465 -2.71 31.88 36.32
CA LYS B 465 -3.99 31.91 37.01
C LYS B 465 -5.01 31.04 36.30
N VAL B 487 -3.56 30.27 41.71
CA VAL B 487 -2.66 31.25 41.12
C VAL B 487 -1.20 30.98 41.47
N GLU B 488 -0.36 30.86 40.44
CA GLU B 488 1.04 30.52 40.63
C GLU B 488 1.92 31.73 40.35
N GLN B 489 3.06 31.81 41.03
CA GLN B 489 3.98 32.92 40.84
C GLN B 489 5.43 32.46 40.79
N SER B 490 6.17 33.01 39.84
CA SER B 490 7.56 32.63 39.62
C SER B 490 8.35 33.85 39.17
N MET B 491 9.67 33.75 39.28
CA MET B 491 10.55 34.70 38.62
C MET B 491 11.11 33.96 37.41
N PHE B 492 11.61 34.71 36.44
CA PHE B 492 12.23 34.10 35.27
C PHE B 492 13.40 34.93 34.80
N LEU B 493 14.35 34.27 34.16
CA LEU B 493 15.41 34.95 33.48
C LEU B 493 15.80 34.16 32.24
N GLN B 494 16.09 34.88 31.16
CA GLN B 494 16.53 34.25 29.94
C GLN B 494 17.43 35.18 29.15
N GLY B 495 18.49 34.63 28.60
CA GLY B 495 19.45 35.43 27.86
C GLY B 495 20.19 34.58 26.84
N GLU B 496 20.77 35.25 25.86
CA GLU B 496 21.52 34.57 24.82
C GLU B 496 22.97 34.73 25.18
N ARG B 497 23.64 33.63 25.45
CA ARG B 497 25.03 33.69 25.90
C ARG B 497 25.96 34.23 24.80
N THR B 498 27.01 34.95 25.19
CA THR B 498 28.02 35.37 24.23
C THR B 498 28.92 34.19 23.92
N ASP B 499 29.32 34.04 22.66
CA ASP B 499 30.22 32.98 22.25
C ASP B 499 31.44 33.02 23.14
N GLU B 500 31.85 31.86 23.64
CA GLU B 500 32.99 31.79 24.56
C GLU B 500 34.24 32.43 23.96
N LYS B 501 34.34 32.40 22.63
CA LYS B 501 35.48 32.98 21.93
C LYS B 501 35.38 34.50 21.84
N GLU B 502 34.23 35.05 22.22
CA GLU B 502 34.02 36.50 22.20
C GLU B 502 34.11 37.11 23.61
N ILE B 503 34.41 36.28 24.60
CA ILE B 503 34.55 36.76 25.97
C ILE B 503 35.75 37.71 26.08
N PRO B 504 35.50 39.00 26.36
CA PRO B 504 36.55 40.03 26.43
C PRO B 504 37.61 39.70 27.47
N THR B 505 38.79 40.27 27.31
CA THR B 505 39.92 39.96 28.20
C THR B 505 40.12 41.03 29.26
N ASP B 506 39.33 42.11 29.16
CA ASP B 506 39.45 43.25 30.06
C ASP B 506 39.45 42.84 31.53
N GLN B 507 40.31 43.49 32.31
CA GLN B 507 40.55 43.08 33.70
C GLN B 507 39.70 43.85 34.71
N ASN B 508 39.12 44.96 34.27
CA ASN B 508 38.21 45.71 35.13
C ASN B 508 37.00 46.20 34.35
N VAL B 509 35.84 45.59 34.63
CA VAL B 509 34.62 45.92 33.92
C VAL B 509 33.44 46.02 34.88
N VAL B 510 32.81 47.19 34.87
CA VAL B 510 31.66 47.44 35.74
C VAL B 510 30.34 47.25 35.01
N TYR B 511 29.41 46.55 35.67
CA TYR B 511 28.06 46.38 35.16
C TYR B 511 27.07 46.91 36.19
N ARG B 512 26.01 47.55 35.72
CA ARG B 512 25.05 48.17 36.62
C ARG B 512 23.63 47.83 36.16
N GLY B 513 22.73 47.62 37.12
CA GLY B 513 21.36 47.28 36.81
C GLY B 513 20.52 47.08 38.04
N SER B 514 19.61 46.11 38.00
CA SER B 514 18.71 45.85 39.11
C SER B 514 18.46 44.36 39.32
N TRP B 515 17.39 44.04 40.04
CA TRP B 515 17.06 42.66 40.35
C TRP B 515 15.68 42.56 40.98
N TYR B 516 15.04 41.40 40.83
CA TYR B 516 13.79 41.12 41.52
C TYR B 516 14.10 40.22 42.72
N GLY B 517 13.50 40.54 43.86
CA GLY B 517 13.82 39.85 45.10
C GLY B 517 12.61 39.36 45.88
N HIS B 518 12.76 38.16 46.44
CA HIS B 518 11.74 37.57 47.29
C HIS B 518 12.43 36.75 48.38
N ILE B 519 12.27 37.19 49.62
CA ILE B 519 13.02 36.60 50.72
C ILE B 519 12.24 36.71 52.03
N ALA B 520 12.48 35.76 52.93
CA ALA B 520 11.78 35.74 54.21
C ALA B 520 12.37 34.73 55.19
N ASN B 521 12.59 35.17 56.43
CA ASN B 521 12.91 34.26 57.52
C ASN B 521 11.69 34.14 58.41
N GLY B 522 10.83 35.15 58.32
CA GLY B 522 9.55 35.15 59.01
C GLY B 522 8.52 35.70 58.04
N THR B 523 8.29 37.01 58.12
CA THR B 523 7.45 37.68 57.14
C THR B 523 8.23 37.84 55.84
N SER B 524 7.53 37.97 54.73
CA SER B 524 8.18 38.00 53.43
C SER B 524 8.48 39.41 52.94
N TRP B 525 9.62 39.56 52.29
CA TRP B 525 9.95 40.79 51.60
C TRP B 525 10.00 40.55 50.11
N SER B 526 9.32 41.41 49.36
CA SER B 526 9.36 41.37 47.91
C SER B 526 9.67 42.75 47.37
N GLY B 527 10.59 42.82 46.41
CA GLY B 527 10.96 44.07 45.79
C GLY B 527 11.25 43.91 44.30
N ASN B 528 10.45 44.61 43.48
CA ASN B 528 10.67 44.63 42.04
C ASN B 528 12.02 45.22 41.68
N ALA B 529 12.36 45.17 40.40
CA ALA B 529 13.56 45.84 39.91
C ALA B 529 13.21 47.29 39.59
N SER B 530 14.23 48.13 39.46
CA SER B 530 14.01 49.54 39.16
C SER B 530 15.30 50.23 38.74
N ASP B 531 15.14 51.41 38.17
CA ASP B 531 16.28 52.24 37.80
C ASP B 531 16.59 53.18 38.97
N LYS B 532 15.59 53.39 39.81
CA LYS B 532 15.64 54.34 40.92
C LYS B 532 14.80 53.82 42.07
N GLU B 533 14.97 54.36 43.27
CA GLU B 533 15.99 55.37 43.55
C GLU B 533 16.92 54.76 44.57
N GLY B 534 16.32 54.35 45.69
CA GLY B 534 16.99 53.50 46.66
C GLY B 534 16.43 52.11 46.52
N GLY B 535 15.55 51.95 45.53
CA GLY B 535 14.99 50.65 45.19
C GLY B 535 16.07 49.69 44.74
N ASN B 536 15.68 48.49 44.37
CA ASN B 536 16.64 47.47 43.95
C ASN B 536 17.68 48.00 42.96
N ARG B 537 18.95 47.83 43.30
CA ARG B 537 20.04 48.20 42.39
C ARG B 537 21.17 47.20 42.51
N ALA B 538 21.78 46.88 41.38
CA ALA B 538 22.85 45.88 41.32
C ALA B 538 24.09 46.44 40.65
N GLU B 539 25.26 46.06 41.15
CA GLU B 539 26.53 46.46 40.56
C GLU B 539 27.54 45.32 40.58
N PHE B 540 28.30 45.19 39.50
CA PHE B 540 29.27 44.10 39.39
C PHE B 540 30.57 44.60 38.79
N THR B 541 31.69 44.10 39.31
CA THR B 541 32.97 44.32 38.66
C THR B 541 33.51 42.97 38.23
N VAL B 542 33.89 42.87 36.96
CA VAL B 542 34.37 41.62 36.41
C VAL B 542 35.81 41.74 35.91
N ASN B 543 36.65 40.84 36.39
CA ASN B 543 37.99 40.70 35.84
C ASN B 543 38.06 39.46 34.95
N PHE B 544 37.84 39.66 33.65
CA PHE B 544 37.85 38.55 32.72
C PHE B 544 39.21 37.84 32.70
N ALA B 545 40.28 38.63 32.66
CA ALA B 545 41.62 38.06 32.67
C ALA B 545 41.80 37.10 33.84
N ASP B 546 41.24 37.45 34.99
CA ASP B 546 41.34 36.62 36.19
C ASP B 546 40.28 35.54 36.27
N LYS B 547 39.28 35.60 35.38
CA LYS B 547 38.15 34.69 35.47
C LYS B 547 37.48 34.91 36.82
N LYS B 548 37.31 36.17 37.19
CA LYS B 548 36.84 36.53 38.52
C LYS B 548 35.69 37.52 38.45
N ILE B 549 34.71 37.36 39.31
CA ILE B 549 33.52 38.20 39.26
C ILE B 549 32.97 38.46 40.66
N THR B 550 32.59 39.71 40.91
CA THR B 550 32.01 40.10 42.18
C THR B 550 31.03 41.24 42.01
N GLY B 551 30.19 41.46 43.02
CA GLY B 551 29.18 42.49 42.94
C GLY B 551 28.25 42.47 44.13
N LYS B 552 27.31 43.41 44.15
CA LYS B 552 26.44 43.58 45.30
C LYS B 552 25.03 43.93 44.86
N LEU B 553 24.04 43.37 45.56
CA LEU B 553 22.65 43.76 45.35
C LEU B 553 22.17 44.44 46.61
N THR B 554 21.50 45.57 46.47
CA THR B 554 21.02 46.30 47.65
C THR B 554 19.55 46.69 47.54
N ALA B 555 18.84 46.55 48.66
CA ALA B 555 17.44 46.92 48.72
C ALA B 555 17.33 48.31 49.32
N GLU B 556 18.31 48.64 50.18
CA GLU B 556 18.55 50.00 50.68
C GLU B 556 18.58 50.08 52.20
N GLN B 561 19.51 44.53 54.27
CA GLN B 561 19.50 45.63 53.33
C GLN B 561 19.98 45.22 51.94
N THR B 562 21.14 44.56 51.89
CA THR B 562 21.74 44.21 50.61
C THR B 562 22.13 42.73 50.54
N PHE B 563 22.51 42.30 49.34
CA PHE B 563 23.19 41.02 49.17
C PHE B 563 24.56 41.35 48.65
N THR B 564 25.46 40.39 48.75
CA THR B 564 26.79 40.56 48.17
C THR B 564 27.11 39.27 47.43
N ILE B 565 27.48 39.41 46.16
CA ILE B 565 27.73 38.25 45.34
C ILE B 565 29.20 38.12 44.99
N GLU B 566 29.68 36.89 44.94
CA GLU B 566 31.04 36.62 44.47
C GLU B 566 31.04 35.31 43.72
N GLY B 567 31.90 35.21 42.71
CA GLY B 567 31.98 34.00 41.93
C GLY B 567 33.20 34.01 41.04
N MET B 568 33.40 32.88 40.36
CA MET B 568 34.43 32.75 39.35
C MET B 568 33.78 32.61 37.99
N ILE B 569 34.60 32.72 36.94
CA ILE B 569 34.07 32.70 35.60
C ILE B 569 34.51 31.46 34.84
N GLN B 570 33.54 30.63 34.49
CA GLN B 570 33.75 29.49 33.62
C GLN B 570 33.18 29.79 32.23
N GLY B 571 34.06 29.93 31.25
CA GLY B 571 33.64 30.22 29.89
C GLY B 571 32.76 31.44 29.78
N ASN B 572 31.51 31.23 29.37
CA ASN B 572 30.58 32.36 29.18
C ASN B 572 29.53 32.46 30.28
N GLY B 573 29.79 31.77 31.39
CA GLY B 573 28.90 31.80 32.53
C GLY B 573 29.70 31.98 33.81
N PHE B 574 29.01 32.30 34.89
CA PHE B 574 29.67 32.39 36.19
C PHE B 574 28.85 31.67 37.25
N GLU B 575 29.48 31.46 38.39
CA GLU B 575 28.84 30.80 39.52
C GLU B 575 29.50 31.23 40.82
N GLY B 576 28.72 31.29 41.89
CA GLY B 576 29.26 31.71 43.18
C GLY B 576 28.24 31.72 44.29
N THR B 577 28.34 32.70 45.17
CA THR B 577 27.51 32.73 46.35
C THR B 577 27.05 34.16 46.65
N ALA B 578 25.90 34.26 47.31
CA ALA B 578 25.35 35.55 47.72
C ALA B 578 24.96 35.52 49.20
N LYS B 579 25.03 36.68 49.88
CA LYS B 579 24.74 36.75 51.32
C LYS B 579 24.18 38.09 51.79
N THR B 580 23.21 38.04 52.70
CA THR B 580 22.74 39.23 53.38
C THR B 580 23.88 39.76 54.25
N ALA B 581 23.70 40.95 54.80
CA ALA B 581 24.70 41.52 55.71
C ALA B 581 24.75 40.72 57.01
N GLU B 582 23.57 40.30 57.48
CA GLU B 582 23.41 39.49 58.69
C GLU B 582 24.40 39.80 59.83
N SER B 583 24.17 40.88 60.58
CA SER B 583 23.09 41.85 60.37
C SER B 583 21.70 41.26 60.13
N GLY B 584 21.24 41.34 58.88
CA GLY B 584 19.96 40.79 58.49
C GLY B 584 19.38 41.60 57.36
N PHE B 585 18.12 41.32 57.02
CA PHE B 585 17.44 42.04 55.94
C PHE B 585 16.25 42.81 56.49
N ASP B 586 15.34 43.21 55.60
CA ASP B 586 14.20 44.03 55.97
C ASP B 586 12.93 43.22 55.87
N LEU B 587 12.03 43.40 56.83
CA LEU B 587 10.75 42.72 56.82
C LEU B 587 10.94 41.21 56.72
N PRO B 596 12.41 42.49 62.65
CA PRO B 596 12.03 42.05 61.31
C PRO B 596 13.24 41.91 60.39
N LYS B 597 13.83 40.72 60.32
CA LYS B 597 15.07 40.49 59.58
C LYS B 597 15.16 39.10 58.93
N ALA B 598 15.73 39.05 57.73
CA ALA B 598 16.02 37.77 57.07
C ALA B 598 17.53 37.56 56.95
N TYR B 599 17.94 36.30 56.84
CA TYR B 599 19.35 35.95 56.83
C TYR B 599 19.70 35.00 55.69
N ILE B 600 20.70 35.35 54.89
CA ILE B 600 21.13 34.48 53.81
C ILE B 600 22.63 34.23 53.82
N THR B 601 23.01 32.97 53.75
CA THR B 601 24.41 32.58 53.79
C THR B 601 24.75 31.43 52.85
N ASP B 602 25.70 31.68 51.95
CA ASP B 602 26.15 30.69 50.99
C ASP B 602 25.05 30.37 49.97
N ALA B 603 24.30 31.40 49.58
CA ALA B 603 23.25 31.24 48.58
C ALA B 603 23.85 30.80 47.25
N LYS B 604 23.30 29.74 46.69
CA LYS B 604 23.81 29.16 45.46
C LYS B 604 23.49 30.04 44.25
N VAL B 605 24.54 30.61 43.65
CA VAL B 605 24.38 31.61 42.60
C VAL B 605 24.85 31.13 41.23
N LYS B 606 24.01 31.33 40.23
CA LYS B 606 24.32 30.94 38.85
C LYS B 606 23.98 32.09 37.92
N GLY B 607 24.84 32.32 36.93
CA GLY B 607 24.58 33.36 35.95
C GLY B 607 25.40 33.20 34.70
N GLY B 608 25.27 34.15 33.78
CA GLY B 608 25.99 34.09 32.52
C GLY B 608 26.22 35.46 31.92
N PHE B 609 27.00 35.49 30.85
CA PHE B 609 27.21 36.73 30.12
C PHE B 609 26.45 36.64 28.79
N TYR B 610 25.79 37.73 28.43
CA TYR B 610 24.91 37.70 27.28
C TYR B 610 25.30 38.75 26.25
N GLY B 611 25.00 38.45 24.97
CA GLY B 611 25.26 39.36 23.88
C GLY B 611 26.72 39.46 23.51
N PRO B 612 27.00 39.89 22.27
CA PRO B 612 28.36 40.05 21.75
C PRO B 612 29.33 40.74 22.74
N LYS B 613 30.49 40.14 22.91
CA LYS B 613 31.50 40.63 23.85
C LYS B 613 30.97 40.96 25.25
N ALA B 614 29.88 40.31 25.64
CA ALA B 614 29.43 40.31 27.03
C ALA B 614 28.98 41.67 27.55
N GLU B 615 28.33 42.45 26.69
CA GLU B 615 27.79 43.74 27.08
C GLU B 615 26.80 43.61 28.23
N GLU B 616 26.34 42.38 28.48
CA GLU B 616 25.30 42.14 29.46
C GLU B 616 25.61 40.92 30.30
N LEU B 617 25.03 40.87 31.50
CA LEU B 617 25.25 39.75 32.40
C LEU B 617 24.09 39.64 33.35
N GLY B 618 23.85 38.44 33.85
CA GLY B 618 22.71 38.22 34.71
C GLY B 618 22.79 36.86 35.35
N GLY B 619 22.01 36.68 36.40
CA GLY B 619 22.01 35.43 37.13
C GLY B 619 20.89 35.37 38.14
N TRP B 620 20.85 34.28 38.90
CA TRP B 620 19.75 34.03 39.82
C TRP B 620 20.23 33.20 40.99
N PHE B 621 19.46 33.20 42.07
CA PHE B 621 19.73 32.28 43.17
C PHE B 621 18.47 31.94 43.96
N ALA B 622 18.47 30.75 44.54
CA ALA B 622 17.36 30.27 45.36
C ALA B 622 17.88 29.82 46.73
N TYR B 623 17.02 29.93 47.74
CA TYR B 623 17.40 29.55 49.09
C TYR B 623 16.25 28.89 49.82
N PRO B 624 16.43 27.64 50.25
CA PRO B 624 17.63 26.87 49.91
C PRO B 624 17.43 25.94 48.70
N ALA B 642 15.55 30.27 59.68
CA ALA B 642 14.46 29.76 58.87
C ALA B 642 14.18 30.67 57.67
N SER B 643 15.24 31.08 56.98
CA SER B 643 15.12 32.07 55.92
C SER B 643 15.30 31.51 54.51
N SER B 644 14.41 31.92 53.60
CA SER B 644 14.45 31.50 52.21
C SER B 644 14.95 32.65 51.34
N ALA B 645 14.96 32.44 50.03
CA ALA B 645 15.31 33.50 49.08
C ALA B 645 15.34 33.01 47.64
N THR B 646 14.72 33.79 46.75
CA THR B 646 14.82 33.55 45.32
C THR B 646 15.02 34.88 44.61
N VAL B 647 16.09 34.97 43.82
CA VAL B 647 16.44 36.23 43.18
C VAL B 647 16.91 36.09 41.74
N VAL B 648 16.34 36.90 40.87
CA VAL B 648 16.92 37.11 39.53
C VAL B 648 17.50 38.52 39.38
N PHE B 649 18.66 38.62 38.74
CA PHE B 649 19.27 39.91 38.51
C PHE B 649 19.91 40.00 37.12
N GLY B 650 19.98 41.20 36.59
CA GLY B 650 20.69 41.46 35.34
C GLY B 650 21.31 42.85 35.33
N ALA B 651 22.53 42.95 34.81
CA ALA B 651 23.24 44.22 34.76
C ALA B 651 23.77 44.50 33.36
N LYS B 652 24.04 45.77 33.07
CA LYS B 652 24.56 46.18 31.78
C LYS B 652 25.97 46.75 31.91
N ARG B 653 26.77 46.56 30.87
CA ARG B 653 28.16 47.01 30.86
C ARG B 653 28.23 48.50 30.66
N GLN B 654 29.22 49.15 31.27
CA GLN B 654 29.40 50.60 31.14
C GLN B 654 30.40 50.94 30.04
C1 GOL C . -11.85 11.72 -8.05
O1 GOL C . -12.52 12.51 -9.00
C2 GOL C . -11.57 10.35 -8.65
O2 GOL C . -11.80 9.34 -7.70
C3 GOL C . -12.52 10.11 -9.81
O3 GOL C . -12.32 8.77 -10.20
C1 GOL D . -28.51 2.17 13.39
O1 GOL D . -27.13 1.97 13.16
C2 GOL D . -29.30 1.95 12.11
O2 GOL D . -29.88 0.67 12.15
C3 GOL D . -30.42 2.98 11.91
O3 GOL D . -30.82 3.00 10.55
C1 GOL E . -21.93 7.99 -6.53
O1 GOL E . -23.03 8.87 -6.48
C2 GOL E . -22.37 6.66 -7.13
O2 GOL E . -23.76 6.73 -7.37
C3 GOL E . -22.06 5.52 -6.14
O3 GOL E . -22.19 4.24 -6.73
C1 GOL F . -21.96 -2.30 -12.60
O1 GOL F . -23.08 -3.08 -12.96
C2 GOL F . -22.46 -0.98 -12.02
O2 GOL F . -23.79 -1.14 -11.56
C3 GOL F . -21.53 -0.52 -10.92
O3 GOL F . -22.11 0.52 -10.14
C1 GOL G . 7.86 -24.04 -13.58
O1 GOL G . 8.62 -23.58 -12.47
C2 GOL G . 6.61 -24.78 -13.12
O2 GOL G . 5.44 -24.07 -13.48
C3 GOL G . 6.56 -26.17 -13.77
O3 GOL G . 5.55 -26.97 -13.19
C1 GOL H . 6.00 -31.20 -0.80
O1 GOL H . 4.68 -31.31 -0.32
C2 GOL H . 6.10 -30.25 -1.99
O2 GOL H . 5.27 -30.73 -3.03
C3 GOL H . 5.67 -28.84 -1.58
O3 GOL H . 6.77 -28.00 -1.30
S SO4 I . -22.64 -14.45 -17.23
O1 SO4 I . -21.83 -15.62 -16.92
O2 SO4 I . -21.75 -13.31 -17.46
O3 SO4 I . -23.42 -14.72 -18.44
O4 SO4 I . -23.55 -14.16 -16.13
C ACT J . -25.76 0.98 9.31
O ACT J . -24.69 0.97 9.96
OXT ACT J . -25.89 0.09 8.44
CH3 ACT J . -26.81 2.02 9.54
C1 GOL K . -23.05 30.19 -13.43
O1 GOL K . -24.08 29.33 -13.87
C2 GOL K . -21.73 29.43 -13.41
O2 GOL K . -21.86 28.23 -14.13
C3 GOL K . -20.57 30.26 -13.96
O3 GOL K . -20.78 30.80 -15.25
C1 GOL L . -9.69 23.44 7.26
O1 GOL L . -9.53 24.83 7.01
C2 GOL L . -10.87 22.95 6.42
O2 GOL L . -11.06 23.79 5.32
C3 GOL L . -10.58 21.54 5.92
O3 GOL L . -11.42 21.24 4.82
C1 GOL M . 5.79 27.77 -13.54
O1 GOL M . 6.48 27.46 -14.74
C2 GOL M . 6.01 29.22 -13.15
O2 GOL M . 4.81 29.74 -12.61
C3 GOL M . 7.11 29.29 -12.09
O3 GOL M . 7.63 30.60 -11.97
C1 GOL N . 20.86 8.27 19.14
O1 GOL N . 19.66 8.37 18.40
C2 GOL N . 21.04 6.84 19.65
O2 GOL N . 20.44 6.70 20.93
C3 GOL N . 20.37 5.85 18.70
O3 GOL N . 20.75 4.53 19.02
C1 GOL O . 27.62 7.17 8.88
O1 GOL O . 26.67 6.66 7.97
C2 GOL O . 27.88 8.64 8.55
O2 GOL O . 28.15 9.35 9.74
C3 GOL O . 29.07 8.71 7.60
O3 GOL O . 29.11 9.95 6.91
S SO4 P . -8.89 20.96 -15.89
O1 SO4 P . -10.34 21.02 -15.77
O2 SO4 P . -8.30 20.05 -14.90
O3 SO4 P . -8.55 20.50 -17.24
O4 SO4 P . -8.34 22.30 -15.69
S SO4 Q . 37.15 19.86 12.63
O1 SO4 Q . 36.31 18.81 13.24
O2 SO4 Q . 38.49 19.77 13.19
O3 SO4 Q . 37.20 19.66 11.19
O4 SO4 Q . 36.62 21.19 12.90
S SO4 R . -0.60 29.90 12.36
O1 SO4 R . -0.08 30.81 11.34
O2 SO4 R . 0.52 29.17 12.93
O3 SO4 R . -1.24 30.67 13.42
O4 SO4 R . -1.57 28.99 11.77
S SO4 S . -5.57 32.56 -11.48
O1 SO4 S . -4.86 31.31 -11.19
O2 SO4 S . -4.61 33.61 -11.75
O3 SO4 S . -6.44 32.37 -12.64
O4 SO4 S . -6.38 32.93 -10.31
S SO4 T . -9.78 14.01 -16.26
O1 SO4 T . -10.14 14.48 -14.93
O2 SO4 T . -9.62 15.20 -17.11
O3 SO4 T . -8.54 13.26 -16.20
O4 SO4 T . -10.85 13.16 -16.79
S SO4 U . -0.17 15.93 22.68
O1 SO4 U . 0.78 16.54 21.72
O2 SO4 U . -0.07 14.47 22.60
O3 SO4 U . 0.15 16.37 24.03
O4 SO4 U . -1.52 16.35 22.35
NA NA V . 5.31 26.01 17.81
#